data_2O9L
#
_entry.id   2O9L
#
_cell.length_a   1.000
_cell.length_b   1.000
_cell.length_c   1.000
_cell.angle_alpha   90.00
_cell.angle_beta   90.00
_cell.angle_gamma   90.00
#
_symmetry.space_group_name_H-M   'P 1'
#
loop_
_entity.id
_entity.type
_entity.pdbx_description
1 polymer "5'-D(*TP*TP*TP*TP*GP*GP*CP*AP*CP*GP*TP*TP*TP*C)-3'"
2 polymer "5'-D(*GP*AP*AP*AP*CP*GP*TP*GP*CP*CP*AP*AP*AP*A)-3'"
3 polymer 'RNA polymerase sigma factor RpoN'
#
loop_
_entity_poly.entity_id
_entity_poly.type
_entity_poly.pdbx_seq_one_letter_code
_entity_poly.pdbx_strand_id
1 'polydeoxyribonucleotide' (DT)(DT)(DT)(DT)(DG)(DG)(DC)(DA)(DC)(DG)(DT)(DT)(DT)(DC) B
2 'polydeoxyribonucleotide' (DG)(DA)(DA)(DA)(DC)(DG)(DT)(DG)(DC)(DC)(DA)(DA)(DA)(DA) C
3 'polypeptide(L)' HMLTQGELMKLIKEIVENEDKRKPYSDQEIANILKEKGFKVARRTVAKYREMLGIPSSRERRI A
#
# COMPACT_ATOMS: atom_id res chain seq x y z
N HIS C 1 -13.47 4.24 -0.09
CA HIS C 1 -13.13 5.67 0.08
C HIS C 1 -13.57 6.20 1.46
N MET C 2 -13.32 7.51 1.72
CA MET C 2 -13.73 8.26 2.92
C MET C 2 -13.32 7.60 4.26
N LEU C 3 -12.14 6.99 4.27
CA LEU C 3 -11.53 6.26 5.38
C LEU C 3 -11.17 7.11 6.62
N THR C 4 -10.74 6.43 7.68
CA THR C 4 -10.33 7.02 8.97
C THR C 4 -8.99 7.77 8.87
N GLN C 5 -8.42 8.14 10.02
CA GLN C 5 -7.07 8.72 10.15
C GLN C 5 -5.97 7.95 9.41
N GLY C 6 -6.15 6.64 9.16
CA GLY C 6 -5.22 5.86 8.37
C GLY C 6 -5.65 4.42 8.05
N GLU C 7 -6.92 4.13 7.74
CA GLU C 7 -7.39 2.77 7.45
C GLU C 7 -6.70 2.13 6.23
N LEU C 8 -6.01 2.93 5.40
CA LEU C 8 -5.12 2.44 4.33
C LEU C 8 -3.62 2.73 4.60
N MET C 9 -3.30 3.63 5.54
CA MET C 9 -1.94 4.01 5.92
C MET C 9 -1.26 2.85 6.62
N LYS C 10 -1.75 2.50 7.81
CA LYS C 10 -1.16 1.52 8.73
C LYS C 10 -1.35 0.06 8.29
N LEU C 11 -1.65 -0.13 7.00
CA LEU C 11 -2.02 -1.37 6.32
C LEU C 11 -1.16 -1.59 5.07
N ILE C 12 -0.81 -0.53 4.31
CA ILE C 12 -0.04 -0.75 3.07
C ILE C 12 1.32 -1.36 3.37
N LYS C 13 1.94 -0.98 4.49
CA LYS C 13 3.29 -1.45 4.87
C LYS C 13 3.27 -2.68 5.78
N GLU C 14 2.10 -3.00 6.32
CA GLU C 14 1.84 -4.05 7.30
C GLU C 14 1.46 -5.37 6.63
N ILE C 15 1.08 -5.33 5.36
CA ILE C 15 0.88 -6.50 4.50
C ILE C 15 2.06 -6.62 3.52
N VAL C 16 2.49 -5.54 2.86
CA VAL C 16 3.54 -5.65 1.83
C VAL C 16 4.86 -6.09 2.46
N GLU C 17 5.16 -5.64 3.68
CA GLU C 17 6.42 -6.06 4.35
C GLU C 17 6.28 -7.42 5.06
N ASN C 18 5.12 -8.08 4.90
CA ASN C 18 4.79 -9.37 5.48
C ASN C 18 4.64 -10.50 4.42
N GLU C 19 4.50 -10.15 3.13
CA GLU C 19 4.22 -11.11 2.06
C GLU C 19 5.51 -11.58 1.37
N ASP C 20 5.98 -10.84 0.36
CA ASP C 20 7.17 -11.14 -0.43
C ASP C 20 7.94 -9.85 -0.71
N LYS C 21 8.79 -9.47 0.24
CA LYS C 21 9.75 -8.34 0.10
C LYS C 21 10.75 -8.53 -1.07
N ARG C 22 10.90 -9.77 -1.57
CA ARG C 22 11.70 -10.14 -2.75
C ARG C 22 10.94 -10.05 -4.07
N LYS C 23 9.62 -9.82 -3.99
CA LYS C 23 8.66 -9.70 -5.11
C LYS C 23 7.55 -8.68 -4.75
N PRO C 24 7.84 -7.37 -4.69
CA PRO C 24 6.92 -6.38 -4.12
C PRO C 24 5.67 -6.15 -4.99
N TYR C 25 4.62 -5.58 -4.37
CA TYR C 25 3.44 -5.04 -5.04
C TYR C 25 3.75 -3.66 -5.68
N SER C 26 2.72 -2.99 -6.22
CA SER C 26 2.77 -1.62 -6.76
C SER C 26 1.57 -0.82 -6.25
N ASP C 27 1.54 0.50 -6.46
CA ASP C 27 0.41 1.35 -6.09
C ASP C 27 -0.94 0.90 -6.72
N GLN C 28 -0.96 0.30 -7.91
CA GLN C 28 -2.14 -0.38 -8.44
C GLN C 28 -2.46 -1.64 -7.63
N GLU C 29 -1.51 -2.55 -7.47
CA GLU C 29 -1.75 -3.84 -6.84
C GLU C 29 -2.20 -3.70 -5.38
N ILE C 30 -1.52 -2.90 -4.55
CA ILE C 30 -1.98 -2.60 -3.17
C ILE C 30 -3.36 -1.95 -3.17
N ALA C 31 -3.68 -1.05 -4.10
CA ALA C 31 -5.02 -0.45 -4.17
C ALA C 31 -6.11 -1.50 -4.43
N ASN C 32 -5.79 -2.52 -5.22
CA ASN C 32 -6.70 -3.60 -5.60
C ASN C 32 -7.06 -4.50 -4.41
N ILE C 33 -6.08 -5.07 -3.71
CA ILE C 33 -6.35 -6.02 -2.60
C ILE C 33 -7.11 -5.32 -1.46
N LEU C 34 -6.85 -4.02 -1.23
CA LEU C 34 -7.52 -3.18 -0.26
C LEU C 34 -9.02 -3.01 -0.55
N LYS C 35 -9.45 -3.26 -1.79
CA LYS C 35 -10.87 -3.26 -2.17
C LYS C 35 -11.57 -4.58 -1.84
N GLU C 36 -10.81 -5.65 -1.54
CA GLU C 36 -11.37 -6.98 -1.28
C GLU C 36 -11.73 -7.18 0.21
N LYS C 37 -11.29 -6.26 1.09
CA LYS C 37 -11.42 -6.44 2.56
C LYS C 37 -12.06 -5.27 3.33
N GLY C 38 -11.97 -4.03 2.85
CA GLY C 38 -12.92 -3.01 3.33
C GLY C 38 -12.55 -1.55 3.07
N PHE C 39 -11.48 -1.28 2.33
CA PHE C 39 -10.90 0.05 2.23
C PHE C 39 -11.34 0.77 0.95
N LYS C 40 -11.39 -0.02 -0.13
CA LYS C 40 -11.78 0.36 -1.49
C LYS C 40 -11.30 1.75 -1.86
N VAL C 41 -10.00 1.90 -1.61
CA VAL C 41 -9.14 3.04 -1.99
C VAL C 41 -8.51 2.75 -3.36
N ALA C 42 -8.42 3.77 -4.21
CA ALA C 42 -7.82 3.82 -5.52
C ALA C 42 -6.30 4.08 -5.47
N ARG C 43 -5.64 3.85 -6.60
CA ARG C 43 -4.19 3.98 -6.78
C ARG C 43 -3.66 5.41 -6.58
N ARG C 44 -4.49 6.43 -6.80
CA ARG C 44 -4.09 7.85 -6.70
C ARG C 44 -3.76 8.23 -5.27
N THR C 45 -4.48 7.65 -4.31
CA THR C 45 -4.41 7.90 -2.88
C THR C 45 -3.32 7.06 -2.27
N VAL C 46 -3.31 5.79 -2.63
CA VAL C 46 -2.41 4.81 -2.03
C VAL C 46 -0.95 5.11 -2.40
N ALA C 47 -0.74 5.73 -3.57
CA ALA C 47 0.53 6.23 -4.05
C ALA C 47 1.07 7.35 -3.15
N LYS C 48 0.20 8.30 -2.83
CA LYS C 48 0.47 9.45 -1.96
C LYS C 48 0.71 9.03 -0.50
N TYR C 49 0.29 7.82 -0.12
CA TYR C 49 0.44 7.26 1.22
C TYR C 49 1.73 6.48 1.39
N ARG C 50 2.07 5.55 0.48
CA ARG C 50 3.40 4.91 0.53
C ARG C 50 4.54 5.94 0.43
N GLU C 51 4.26 7.12 -0.12
CA GLU C 51 5.18 8.26 -0.10
C GLU C 51 5.35 8.89 1.30
N MET C 52 4.26 9.07 2.05
CA MET C 52 4.26 9.78 3.34
C MET C 52 4.69 8.89 4.53
N LEU C 53 4.37 7.59 4.47
CA LEU C 53 4.78 6.60 5.47
C LEU C 53 6.31 6.42 5.49
N GLY C 54 6.88 5.93 4.38
CA GLY C 54 8.34 5.88 4.22
C GLY C 54 8.92 5.10 3.02
N ILE C 55 8.08 4.62 2.09
CA ILE C 55 8.49 3.74 0.98
C ILE C 55 8.89 4.56 -0.27
N PRO C 56 10.11 4.36 -0.82
CA PRO C 56 10.55 5.01 -2.05
C PRO C 56 9.77 4.46 -3.26
N SER C 57 9.78 3.13 -3.44
CA SER C 57 8.84 2.38 -4.30
C SER C 57 8.68 0.89 -3.96
N SER C 58 9.55 0.36 -3.09
CA SER C 58 9.84 -1.07 -2.83
C SER C 58 10.39 -1.88 -4.02
N ARG C 59 10.24 -1.43 -5.27
CA ARG C 59 10.93 -2.00 -6.43
C ARG C 59 12.42 -1.73 -6.30
N GLU C 60 12.77 -0.52 -5.87
CA GLU C 60 14.15 -0.07 -5.73
C GLU C 60 14.84 -0.64 -4.47
N ARG C 61 14.06 -1.00 -3.44
CA ARG C 61 14.50 -1.75 -2.26
C ARG C 61 14.79 -3.23 -2.58
N ARG C 62 13.92 -3.87 -3.38
CA ARG C 62 14.01 -5.27 -3.79
C ARG C 62 15.17 -5.56 -4.75
N ILE C 63 15.18 -4.89 -5.90
CA ILE C 63 16.05 -5.16 -7.08
C ILE C 63 17.57 -5.20 -6.75
N HIS C 1 -13.62 12.10 1.60
CA HIS C 1 -13.04 10.90 2.25
C HIS C 1 -14.04 9.75 2.28
N MET C 2 -13.56 8.53 2.58
CA MET C 2 -14.37 7.32 2.76
C MET C 2 -13.91 6.48 3.96
N LEU C 3 -12.59 6.40 4.21
CA LEU C 3 -11.97 5.68 5.32
C LEU C 3 -11.72 6.54 6.57
N THR C 4 -11.21 5.90 7.62
CA THR C 4 -10.71 6.56 8.84
C THR C 4 -9.40 7.32 8.60
N GLN C 5 -8.78 7.84 9.66
CA GLN C 5 -7.49 8.51 9.65
C GLN C 5 -6.35 7.71 8.97
N GLY C 6 -6.47 6.37 8.90
CA GLY C 6 -5.51 5.54 8.20
C GLY C 6 -5.91 4.09 8.00
N GLU C 7 -7.18 3.76 7.69
CA GLU C 7 -7.63 2.39 7.42
C GLU C 7 -6.91 1.74 6.22
N LEU C 8 -6.23 2.53 5.38
CA LEU C 8 -5.34 2.06 4.32
C LEU C 8 -3.84 2.33 4.63
N MET C 9 -3.55 3.26 5.56
CA MET C 9 -2.19 3.70 5.91
C MET C 9 -1.45 2.63 6.71
N LYS C 10 -2.00 2.25 7.87
CA LYS C 10 -1.38 1.33 8.83
C LYS C 10 -1.47 -0.15 8.38
N LEU C 11 -1.71 -0.37 7.08
CA LEU C 11 -2.03 -1.61 6.38
C LEU C 11 -1.13 -1.80 5.15
N ILE C 12 -0.82 -0.72 4.40
CA ILE C 12 0.00 -0.88 3.19
C ILE C 12 1.41 -1.37 3.53
N LYS C 13 1.95 -0.95 4.68
CA LYS C 13 3.28 -1.40 5.14
C LYS C 13 3.25 -2.70 5.94
N GLU C 14 2.07 -3.12 6.37
CA GLU C 14 1.81 -4.24 7.28
C GLU C 14 1.55 -5.55 6.53
N ILE C 15 1.22 -5.46 5.23
CA ILE C 15 1.16 -6.58 4.32
C ILE C 15 2.41 -6.58 3.45
N VAL C 16 2.80 -5.45 2.83
CA VAL C 16 3.89 -5.45 1.86
C VAL C 16 5.22 -5.81 2.52
N GLU C 17 5.45 -5.39 3.77
CA GLU C 17 6.69 -5.78 4.47
C GLU C 17 6.64 -7.19 5.08
N ASN C 18 5.53 -7.92 4.86
CA ASN C 18 5.25 -9.23 5.38
C ASN C 18 5.04 -10.33 4.31
N GLU C 19 4.96 -9.95 3.02
CA GLU C 19 4.65 -10.87 1.91
C GLU C 19 5.91 -11.31 1.15
N ASP C 20 6.34 -10.53 0.17
CA ASP C 20 7.47 -10.82 -0.70
C ASP C 20 8.35 -9.59 -0.91
N LYS C 21 9.31 -9.39 -0.01
CA LYS C 21 10.43 -8.43 -0.18
C LYS C 21 11.27 -8.72 -1.44
N ARG C 22 11.25 -9.98 -1.92
CA ARG C 22 11.82 -10.48 -3.18
C ARG C 22 11.05 -10.04 -4.44
N LYS C 23 9.75 -9.77 -4.31
CA LYS C 23 8.78 -9.52 -5.39
C LYS C 23 7.68 -8.54 -4.90
N PRO C 24 7.99 -7.23 -4.79
CA PRO C 24 7.09 -6.25 -4.16
C PRO C 24 5.83 -5.98 -4.99
N TYR C 25 4.80 -5.43 -4.33
CA TYR C 25 3.63 -4.84 -4.98
C TYR C 25 3.93 -3.44 -5.53
N SER C 26 2.92 -2.77 -6.08
CA SER C 26 2.94 -1.39 -6.58
C SER C 26 1.69 -0.63 -6.16
N ASP C 27 1.66 0.69 -6.35
CA ASP C 27 0.52 1.51 -6.00
C ASP C 27 -0.81 1.06 -6.67
N GLN C 28 -0.77 0.49 -7.89
CA GLN C 28 -1.93 -0.19 -8.47
C GLN C 28 -2.24 -1.48 -7.68
N GLU C 29 -1.29 -2.38 -7.51
CA GLU C 29 -1.53 -3.69 -6.91
C GLU C 29 -2.03 -3.59 -5.46
N ILE C 30 -1.36 -2.82 -4.59
CA ILE C 30 -1.85 -2.57 -3.23
C ILE C 30 -3.24 -1.92 -3.22
N ALA C 31 -3.54 -0.99 -4.14
CA ALA C 31 -4.89 -0.41 -4.21
C ALA C 31 -5.96 -1.48 -4.55
N ASN C 32 -5.59 -2.46 -5.38
CA ASN C 32 -6.47 -3.54 -5.82
C ASN C 32 -6.83 -4.52 -4.70
N ILE C 33 -5.85 -5.08 -3.99
CA ILE C 33 -6.12 -6.08 -2.92
C ILE C 33 -6.91 -5.46 -1.76
N LEU C 34 -6.68 -4.18 -1.49
CA LEU C 34 -7.40 -3.39 -0.49
C LEU C 34 -8.90 -3.26 -0.80
N LYS C 35 -9.27 -3.40 -2.07
CA LYS C 35 -10.68 -3.38 -2.50
C LYS C 35 -11.40 -4.72 -2.24
N GLU C 36 -10.63 -5.79 -2.00
CA GLU C 36 -11.17 -7.14 -1.80
C GLU C 36 -11.52 -7.41 -0.32
N LYS C 37 -11.10 -6.54 0.61
CA LYS C 37 -11.27 -6.75 2.05
C LYS C 37 -11.96 -5.60 2.79
N GLY C 38 -11.95 -4.37 2.26
CA GLY C 38 -13.03 -3.42 2.54
C GLY C 38 -12.70 -1.94 2.32
N PHE C 39 -11.49 -1.63 1.86
CA PHE C 39 -10.97 -0.27 1.87
C PHE C 39 -11.31 0.52 0.60
N LYS C 40 -11.61 -0.19 -0.49
CA LYS C 40 -11.89 0.24 -1.87
C LYS C 40 -11.09 1.46 -2.36
N VAL C 41 -9.88 1.67 -1.84
CA VAL C 41 -9.08 2.87 -2.12
C VAL C 41 -8.34 2.69 -3.46
N ALA C 42 -8.24 3.74 -4.24
CA ALA C 42 -7.59 3.84 -5.53
C ALA C 42 -6.10 4.17 -5.43
N ARG C 43 -5.40 3.97 -6.54
CA ARG C 43 -3.94 4.11 -6.67
C ARG C 43 -3.41 5.50 -6.34
N ARG C 44 -4.18 6.57 -6.57
CA ARG C 44 -3.70 7.95 -6.36
C ARG C 44 -3.52 8.22 -4.87
N THR C 45 -4.40 7.67 -4.06
CA THR C 45 -4.48 7.83 -2.63
C THR C 45 -3.42 6.99 -1.96
N VAL C 46 -3.34 5.73 -2.40
CA VAL C 46 -2.45 4.75 -1.81
C VAL C 46 -0.98 5.11 -2.07
N ALA C 47 -0.72 5.79 -3.19
CA ALA C 47 0.59 6.27 -3.62
C ALA C 47 1.09 7.44 -2.77
N LYS C 48 0.18 8.32 -2.33
CA LYS C 48 0.47 9.41 -1.40
C LYS C 48 0.81 8.87 0.00
N TYR C 49 0.23 7.73 0.37
CA TYR C 49 0.34 7.19 1.73
C TYR C 49 1.68 6.52 1.98
N ARG C 50 2.16 5.69 1.05
CA ARG C 50 3.50 5.07 1.15
C ARG C 50 4.60 6.10 1.41
N GLU C 51 4.43 7.34 0.94
CA GLU C 51 5.41 8.42 1.09
C GLU C 51 5.45 8.97 2.53
N MET C 52 4.30 9.08 3.20
CA MET C 52 4.18 9.69 4.53
C MET C 52 4.42 8.69 5.68
N LEU C 53 4.22 7.39 5.45
CA LEU C 53 4.62 6.31 6.36
C LEU C 53 6.14 6.12 6.39
N GLY C 54 6.75 5.76 5.25
CA GLY C 54 8.21 5.76 5.09
C GLY C 54 8.81 5.02 3.89
N ILE C 55 7.98 4.48 2.98
CA ILE C 55 8.42 3.70 1.81
C ILE C 55 8.80 4.61 0.63
N PRO C 56 9.96 4.41 -0.01
CA PRO C 56 10.35 5.10 -1.24
C PRO C 56 9.50 4.63 -2.44
N SER C 57 9.62 3.34 -2.80
CA SER C 57 8.74 2.64 -3.75
C SER C 57 8.58 1.13 -3.52
N SER C 58 9.44 0.55 -2.67
CA SER C 58 9.71 -0.88 -2.46
C SER C 58 10.26 -1.65 -3.68
N ARG C 59 10.21 -1.09 -4.90
CA ARG C 59 10.92 -1.57 -6.10
C ARG C 59 12.42 -1.36 -5.93
N GLU C 60 12.78 -0.20 -5.35
CA GLU C 60 14.16 0.19 -5.09
C GLU C 60 14.77 -0.47 -3.83
N ARG C 61 13.90 -0.95 -2.91
CA ARG C 61 14.28 -1.77 -1.74
C ARG C 61 14.59 -3.22 -2.12
N ARG C 62 13.82 -3.79 -3.06
CA ARG C 62 13.95 -5.17 -3.55
C ARG C 62 15.23 -5.36 -4.37
N ILE C 63 15.39 -4.59 -5.44
CA ILE C 63 16.41 -4.76 -6.49
C ILE C 63 17.87 -4.74 -5.97
N HIS C 1 -13.62 7.45 -1.06
CA HIS C 1 -13.91 6.74 0.19
C HIS C 1 -13.16 7.36 1.36
N MET C 2 -13.84 8.25 2.08
CA MET C 2 -13.31 9.00 3.22
C MET C 2 -13.16 8.11 4.46
N LEU C 3 -12.15 7.24 4.40
CA LEU C 3 -11.46 6.56 5.49
C LEU C 3 -11.01 7.51 6.63
N THR C 4 -10.44 6.91 7.68
CA THR C 4 -10.00 7.59 8.92
C THR C 4 -8.73 8.43 8.71
N GLN C 5 -8.07 8.85 9.80
CA GLN C 5 -6.76 9.52 9.78
C GLN C 5 -5.68 8.82 8.94
N GLY C 6 -5.81 7.50 8.73
CA GLY C 6 -5.01 6.77 7.75
C GLY C 6 -5.32 5.28 7.65
N GLU C 7 -6.58 4.86 7.47
CA GLU C 7 -6.98 3.45 7.42
C GLU C 7 -6.39 2.69 6.22
N LEU C 8 -5.84 3.38 5.23
CA LEU C 8 -5.01 2.79 4.17
C LEU C 8 -3.50 3.08 4.34
N MET C 9 -3.13 4.10 5.12
CA MET C 9 -1.76 4.56 5.34
C MET C 9 -0.98 3.58 6.22
N LYS C 10 -1.47 3.34 7.44
CA LYS C 10 -0.80 2.53 8.47
C LYS C 10 -0.92 1.01 8.21
N LEU C 11 -1.30 0.64 6.97
CA LEU C 11 -1.66 -0.69 6.47
C LEU C 11 -0.84 -1.06 5.24
N ILE C 12 -0.60 -0.11 4.32
CA ILE C 12 0.16 -0.44 3.10
C ILE C 12 1.58 -0.89 3.43
N LYS C 13 2.21 -0.33 4.47
CA LYS C 13 3.56 -0.73 4.91
C LYS C 13 3.57 -1.95 5.84
N GLU C 14 2.40 -2.26 6.41
CA GLU C 14 2.19 -3.23 7.49
C GLU C 14 1.73 -4.59 6.95
N ILE C 15 1.32 -4.66 5.69
CA ILE C 15 1.11 -5.89 4.93
C ILE C 15 2.28 -6.09 3.98
N VAL C 16 2.68 -5.08 3.18
CA VAL C 16 3.69 -5.27 2.13
C VAL C 16 5.04 -5.65 2.73
N GLU C 17 5.43 -5.01 3.86
CA GLU C 17 6.70 -5.35 4.50
C GLU C 17 6.60 -6.59 5.41
N ASN C 18 5.45 -7.26 5.42
CA ASN C 18 5.16 -8.46 6.21
C ASN C 18 4.93 -9.72 5.34
N GLU C 19 4.69 -9.55 4.03
CA GLU C 19 4.44 -10.64 3.09
C GLU C 19 5.74 -11.16 2.46
N ASP C 20 6.22 -10.51 1.41
CA ASP C 20 7.45 -10.88 0.72
C ASP C 20 8.33 -9.67 0.40
N LYS C 21 9.28 -9.44 1.30
CA LYS C 21 10.38 -8.46 1.15
C LYS C 21 11.26 -8.66 -0.10
N ARG C 22 11.16 -9.81 -0.77
CA ARG C 22 11.78 -10.12 -2.08
C ARG C 22 10.78 -10.44 -3.22
N LYS C 23 9.46 -10.26 -3.01
CA LYS C 23 8.43 -10.14 -4.07
C LYS C 23 7.37 -9.07 -3.70
N PRO C 24 7.66 -7.77 -3.88
CA PRO C 24 6.81 -6.67 -3.43
C PRO C 24 5.51 -6.53 -4.26
N TYR C 25 4.54 -5.79 -3.71
CA TYR C 25 3.34 -5.33 -4.43
C TYR C 25 3.56 -3.96 -5.08
N SER C 26 2.58 -3.48 -5.83
CA SER C 26 2.57 -2.20 -6.55
C SER C 26 1.29 -1.42 -6.22
N ASP C 27 1.21 -0.15 -6.61
CA ASP C 27 0.06 0.71 -6.33
C ASP C 27 -1.29 0.16 -6.86
N GLN C 28 -1.33 -0.55 -7.99
CA GLN C 28 -2.51 -1.30 -8.40
C GLN C 28 -2.75 -2.48 -7.46
N GLU C 29 -1.76 -3.33 -7.22
CA GLU C 29 -1.94 -4.55 -6.45
C GLU C 29 -2.40 -4.28 -5.01
N ILE C 30 -1.71 -3.40 -4.26
CA ILE C 30 -2.16 -2.99 -2.92
C ILE C 30 -3.55 -2.35 -2.95
N ALA C 31 -3.89 -1.56 -3.96
CA ALA C 31 -5.24 -0.97 -4.05
C ALA C 31 -6.33 -2.05 -4.14
N ASN C 32 -6.03 -3.15 -4.84
CA ASN C 32 -6.95 -4.25 -5.06
C ASN C 32 -7.24 -5.05 -3.79
N ILE C 33 -6.21 -5.52 -3.07
CA ILE C 33 -6.39 -6.36 -1.85
C ILE C 33 -7.09 -5.57 -0.73
N LEU C 34 -6.85 -4.25 -0.67
CA LEU C 34 -7.47 -3.31 0.27
C LEU C 34 -8.98 -3.20 0.04
N LYS C 35 -9.45 -3.52 -1.16
CA LYS C 35 -10.90 -3.52 -1.48
C LYS C 35 -11.60 -4.79 -0.99
N GLU C 36 -10.84 -5.84 -0.64
CA GLU C 36 -11.39 -7.13 -0.21
C GLU C 36 -11.65 -7.17 1.30
N LYS C 37 -11.16 -6.18 2.06
CA LYS C 37 -11.22 -6.17 3.54
C LYS C 37 -11.83 -4.90 4.15
N GLY C 38 -11.82 -3.76 3.45
CA GLY C 38 -12.85 -2.74 3.68
C GLY C 38 -12.50 -1.32 3.22
N PHE C 39 -11.32 -1.12 2.63
CA PHE C 39 -10.77 0.20 2.40
C PHE C 39 -11.19 0.79 1.05
N LYS C 40 -11.46 -0.11 0.08
CA LYS C 40 -11.76 0.10 -1.35
C LYS C 40 -11.13 1.36 -1.96
N VAL C 41 -9.88 1.63 -1.58
CA VAL C 41 -9.13 2.82 -2.02
C VAL C 41 -8.52 2.54 -3.41
N ALA C 42 -8.56 3.53 -4.28
CA ALA C 42 -8.06 3.54 -5.64
C ALA C 42 -6.52 3.68 -5.69
N ARG C 43 -5.94 3.25 -6.81
CA ARG C 43 -4.51 3.28 -7.07
C ARG C 43 -3.89 4.68 -6.99
N ARG C 44 -4.67 5.73 -7.29
CA ARG C 44 -4.22 7.12 -7.35
C ARG C 44 -3.79 7.62 -5.98
N THR C 45 -4.51 7.19 -4.96
CA THR C 45 -4.38 7.54 -3.56
C THR C 45 -3.28 6.70 -2.93
N VAL C 46 -3.40 5.39 -3.12
CA VAL C 46 -2.56 4.41 -2.46
C VAL C 46 -1.10 4.54 -2.91
N ALA C 47 -0.89 5.01 -4.14
CA ALA C 47 0.40 5.31 -4.73
C ALA C 47 1.09 6.42 -3.94
N LYS C 48 0.37 7.53 -3.76
CA LYS C 48 0.91 8.75 -3.14
C LYS C 48 1.13 8.60 -1.63
N TYR C 49 0.63 7.52 -1.03
CA TYR C 49 0.81 7.20 0.38
C TYR C 49 2.11 6.44 0.65
N ARG C 50 2.46 5.42 -0.14
CA ARG C 50 3.75 4.72 0.05
C ARG C 50 4.95 5.68 0.01
N GLU C 51 4.80 6.82 -0.66
CA GLU C 51 5.80 7.90 -0.73
C GLU C 51 6.12 8.52 0.66
N MET C 52 5.08 8.89 1.41
CA MET C 52 5.21 9.68 2.64
C MET C 52 5.50 8.83 3.89
N LEU C 53 5.09 7.56 3.89
CA LEU C 53 5.32 6.61 4.97
C LEU C 53 6.80 6.19 5.08
N GLY C 54 7.35 5.64 4.00
CA GLY C 54 8.80 5.34 3.94
C GLY C 54 9.32 4.61 2.69
N ILE C 55 8.51 4.37 1.67
CA ILE C 55 8.82 3.50 0.53
C ILE C 55 9.10 4.32 -0.76
N PRO C 56 10.17 4.00 -1.53
CA PRO C 56 10.39 4.54 -2.86
C PRO C 56 9.37 3.95 -3.85
N SER C 57 9.48 2.65 -4.09
CA SER C 57 8.49 1.80 -4.79
C SER C 57 8.51 0.33 -4.31
N SER C 58 9.44 0.00 -3.40
CA SER C 58 9.89 -1.34 -2.97
C SER C 58 10.37 -2.28 -4.09
N ARG C 59 10.29 -1.89 -5.36
CA ARG C 59 10.79 -2.66 -6.51
C ARG C 59 12.30 -2.49 -6.62
N GLU C 60 12.75 -1.25 -6.44
CA GLU C 60 14.17 -0.89 -6.39
C GLU C 60 14.88 -1.31 -5.09
N ARG C 61 14.12 -1.55 -4.01
CA ARG C 61 14.60 -2.19 -2.76
C ARG C 61 14.80 -3.69 -2.95
N ARG C 62 13.89 -4.38 -3.65
CA ARG C 62 13.89 -5.82 -3.91
C ARG C 62 14.97 -6.25 -4.91
N ILE C 63 14.91 -5.72 -6.14
CA ILE C 63 15.67 -6.18 -7.33
C ILE C 63 17.20 -6.21 -7.12
N HIS C 1 -11.87 10.79 5.81
CA HIS C 1 -12.89 10.83 4.73
C HIS C 1 -12.80 9.56 3.89
N MET C 2 -13.95 8.95 3.56
CA MET C 2 -14.14 7.54 3.18
C MET C 2 -13.67 6.56 4.28
N LEU C 3 -12.39 6.63 4.64
CA LEU C 3 -11.73 5.92 5.72
C LEU C 3 -11.46 6.83 6.93
N THR C 4 -10.85 6.24 7.96
CA THR C 4 -10.41 6.93 9.19
C THR C 4 -9.19 7.82 8.94
N GLN C 5 -8.56 8.31 10.02
CA GLN C 5 -7.30 9.05 10.00
C GLN C 5 -6.17 8.35 9.19
N GLY C 6 -6.22 7.03 9.04
CA GLY C 6 -5.27 6.30 8.20
C GLY C 6 -5.56 4.82 8.02
N GLU C 7 -6.81 4.38 7.78
CA GLU C 7 -7.18 2.97 7.61
C GLU C 7 -6.53 2.31 6.38
N LEU C 8 -5.93 3.09 5.49
CA LEU C 8 -5.07 2.61 4.40
C LEU C 8 -3.58 2.98 4.61
N MET C 9 -3.28 3.96 5.48
CA MET C 9 -1.92 4.46 5.77
C MET C 9 -1.14 3.42 6.57
N LYS C 10 -1.60 3.11 7.78
CA LYS C 10 -0.92 2.24 8.75
C LYS C 10 -0.97 0.74 8.37
N LEU C 11 -1.27 0.44 7.09
CA LEU C 11 -1.56 -0.85 6.48
C LEU C 11 -0.67 -1.09 5.26
N ILE C 12 -0.47 -0.08 4.39
CA ILE C 12 0.35 -0.28 3.18
C ILE C 12 1.78 -0.67 3.52
N LYS C 13 2.33 -0.11 4.61
CA LYS C 13 3.70 -0.42 5.08
C LYS C 13 3.78 -1.70 5.91
N GLU C 14 2.64 -2.15 6.45
CA GLU C 14 2.50 -3.18 7.47
C GLU C 14 2.20 -4.56 6.86
N ILE C 15 1.70 -4.58 5.62
CA ILE C 15 1.56 -5.78 4.81
C ILE C 15 2.77 -5.87 3.89
N VAL C 16 3.11 -4.81 3.14
CA VAL C 16 4.14 -4.95 2.11
C VAL C 16 5.51 -5.27 2.72
N GLU C 17 5.82 -4.72 3.90
CA GLU C 17 7.12 -5.04 4.53
C GLU C 17 7.12 -6.38 5.28
N ASN C 18 5.98 -7.08 5.31
CA ASN C 18 5.75 -8.32 6.03
C ASN C 18 5.60 -9.53 5.11
N GLU C 19 5.28 -9.31 3.82
CA GLU C 19 4.89 -10.37 2.89
C GLU C 19 6.10 -10.95 2.13
N ASP C 20 6.44 -10.36 0.99
CA ASP C 20 7.52 -10.79 0.12
C ASP C 20 8.25 -9.59 -0.47
N LYS C 21 9.19 -9.03 0.31
CA LYS C 21 10.09 -7.94 -0.13
C LYS C 21 10.98 -8.34 -1.32
N ARG C 22 11.19 -9.65 -1.54
CA ARG C 22 11.78 -10.30 -2.72
C ARG C 22 10.92 -10.25 -3.99
N LYS C 23 9.59 -10.15 -3.84
CA LYS C 23 8.56 -10.16 -4.89
C LYS C 23 7.43 -9.17 -4.52
N PRO C 24 7.68 -7.85 -4.58
CA PRO C 24 6.82 -6.82 -3.98
C PRO C 24 5.50 -6.62 -4.73
N TYR C 25 4.57 -5.91 -4.08
CA TYR C 25 3.39 -5.31 -4.68
C TYR C 25 3.75 -4.00 -5.41
N SER C 26 2.73 -3.25 -5.84
CA SER C 26 2.84 -1.88 -6.36
C SER C 26 1.56 -1.10 -6.06
N ASP C 27 1.49 0.20 -6.38
CA ASP C 27 0.33 1.03 -6.04
C ASP C 27 -1.02 0.53 -6.60
N GLN C 28 -1.06 -0.14 -7.75
CA GLN C 28 -2.25 -0.87 -8.18
C GLN C 28 -2.52 -2.07 -7.27
N GLU C 29 -1.54 -2.94 -7.04
CA GLU C 29 -1.78 -4.18 -6.30
C GLU C 29 -2.12 -3.94 -4.83
N ILE C 30 -1.45 -3.04 -4.12
CA ILE C 30 -1.86 -2.66 -2.76
C ILE C 30 -3.27 -2.06 -2.74
N ALA C 31 -3.65 -1.23 -3.72
CA ALA C 31 -5.04 -0.73 -3.81
C ALA C 31 -6.05 -1.88 -4.03
N ASN C 32 -5.66 -2.91 -4.79
CA ASN C 32 -6.47 -4.06 -5.14
C ASN C 32 -6.80 -4.96 -3.93
N ILE C 33 -5.80 -5.39 -3.17
CA ILE C 33 -6.01 -6.26 -1.99
C ILE C 33 -6.77 -5.51 -0.88
N LEU C 34 -6.54 -4.20 -0.76
CA LEU C 34 -7.23 -3.34 0.21
C LEU C 34 -8.75 -3.29 -0.05
N LYS C 35 -9.18 -3.57 -1.28
CA LYS C 35 -10.61 -3.64 -1.64
C LYS C 35 -11.25 -4.98 -1.25
N GLU C 36 -10.44 -5.99 -0.94
CA GLU C 36 -10.92 -7.34 -0.58
C GLU C 36 -11.20 -7.48 0.92
N LYS C 37 -10.75 -6.51 1.74
CA LYS C 37 -10.83 -6.60 3.21
C LYS C 37 -11.51 -5.42 3.90
N GLY C 38 -11.61 -4.24 3.25
CA GLY C 38 -12.70 -3.31 3.54
C GLY C 38 -12.45 -1.86 3.14
N PHE C 39 -11.27 -1.53 2.58
CA PHE C 39 -10.83 -0.16 2.42
C PHE C 39 -11.29 0.46 1.09
N LYS C 40 -11.39 -0.40 0.06
CA LYS C 40 -11.64 -0.13 -1.37
C LYS C 40 -11.11 1.23 -1.86
N VAL C 41 -9.90 1.57 -1.41
CA VAL C 41 -9.18 2.77 -1.84
C VAL C 41 -8.52 2.49 -3.21
N ALA C 42 -8.49 3.48 -4.10
CA ALA C 42 -7.92 3.48 -5.43
C ALA C 42 -6.42 3.78 -5.41
N ARG C 43 -5.74 3.47 -6.52
CA ARG C 43 -4.30 3.61 -6.70
C ARG C 43 -3.78 5.02 -6.45
N ARG C 44 -4.56 6.03 -6.83
CA ARG C 44 -4.13 7.43 -6.86
C ARG C 44 -3.86 7.97 -5.45
N THR C 45 -4.62 7.44 -4.50
CA THR C 45 -4.60 7.72 -3.07
C THR C 45 -3.49 6.95 -2.41
N VAL C 46 -3.47 5.64 -2.67
CA VAL C 46 -2.58 4.69 -2.03
C VAL C 46 -1.11 5.01 -2.39
N ALA C 47 -0.89 5.57 -3.59
CA ALA C 47 0.37 5.97 -4.15
C ALA C 47 0.95 7.20 -3.44
N LYS C 48 0.08 8.15 -3.05
CA LYS C 48 0.48 9.37 -2.35
C LYS C 48 0.71 9.13 -0.85
N TYR C 49 0.27 8.00 -0.31
CA TYR C 49 0.42 7.66 1.12
C TYR C 49 1.77 7.06 1.46
N ARG C 50 2.32 6.18 0.61
CA ARG C 50 3.69 5.64 0.85
C ARG C 50 4.75 6.74 1.06
N GLU C 51 4.53 7.93 0.51
CA GLU C 51 5.43 9.07 0.63
C GLU C 51 5.47 9.67 2.06
N MET C 52 4.32 9.76 2.73
CA MET C 52 4.23 10.30 4.10
C MET C 52 4.65 9.30 5.17
N LEU C 53 4.57 8.00 4.88
CA LEU C 53 4.98 6.91 5.77
C LEU C 53 6.50 6.65 5.70
N GLY C 54 7.02 6.29 4.52
CA GLY C 54 8.47 6.27 4.27
C GLY C 54 8.97 5.46 3.06
N ILE C 55 8.09 4.90 2.23
CA ILE C 55 8.45 3.98 1.13
C ILE C 55 8.60 4.73 -0.21
N PRO C 56 9.71 4.56 -0.95
CA PRO C 56 9.98 5.23 -2.23
C PRO C 56 9.14 4.67 -3.39
N SER C 57 9.11 3.35 -3.56
CA SER C 57 8.21 2.62 -4.47
C SER C 57 7.72 1.33 -3.79
N SER C 58 8.68 0.42 -3.62
CA SER C 58 8.70 -1.02 -3.29
C SER C 58 9.41 -1.82 -4.39
N ARG C 59 9.52 -1.26 -5.60
CA ARG C 59 10.24 -1.78 -6.77
C ARG C 59 11.75 -1.60 -6.56
N GLU C 60 12.14 -0.45 -6.02
CA GLU C 60 13.53 -0.13 -5.74
C GLU C 60 14.05 -0.76 -4.43
N ARG C 61 13.13 -1.13 -3.52
CA ARG C 61 13.41 -1.87 -2.28
C ARG C 61 13.82 -3.32 -2.57
N ARG C 62 13.27 -3.93 -3.63
CA ARG C 62 13.53 -5.30 -4.07
C ARG C 62 14.80 -5.43 -4.91
N ILE C 63 14.85 -4.73 -6.06
CA ILE C 63 15.79 -4.95 -7.18
C ILE C 63 17.28 -4.85 -6.79
N HIS C 1 -13.60 4.19 0.18
CA HIS C 1 -13.33 5.64 0.23
C HIS C 1 -13.55 6.20 1.65
N MET C 2 -13.31 7.51 1.85
CA MET C 2 -13.64 8.30 3.06
C MET C 2 -13.22 7.66 4.40
N LEU C 3 -12.06 7.00 4.38
CA LEU C 3 -11.46 6.27 5.50
C LEU C 3 -11.07 7.13 6.71
N THR C 4 -10.64 6.44 7.78
CA THR C 4 -10.20 7.04 9.06
C THR C 4 -8.83 7.73 8.95
N GLN C 5 -8.23 8.09 10.09
CA GLN C 5 -6.86 8.63 10.20
C GLN C 5 -5.80 7.82 9.45
N GLY C 6 -6.03 6.51 9.23
CA GLY C 6 -5.19 5.70 8.37
C GLY C 6 -5.66 4.27 8.15
N GLU C 7 -6.94 4.00 7.85
CA GLU C 7 -7.46 2.65 7.60
C GLU C 7 -6.79 1.96 6.40
N LEU C 8 -6.10 2.70 5.54
CA LEU C 8 -5.26 2.16 4.46
C LEU C 8 -3.75 2.38 4.73
N MET C 9 -3.39 3.32 5.63
CA MET C 9 -2.01 3.72 5.92
C MET C 9 -1.29 2.61 6.69
N LYS C 10 -1.78 2.30 7.89
CA LYS C 10 -1.14 1.37 8.84
C LYS C 10 -1.30 -0.12 8.47
N LEU C 11 -1.64 -0.37 7.21
CA LEU C 11 -2.03 -1.63 6.58
C LEU C 11 -1.19 -1.90 5.33
N ILE C 12 -0.89 -0.87 4.52
CA ILE C 12 -0.14 -1.12 3.27
C ILE C 12 1.27 -1.64 3.55
N LYS C 13 1.91 -1.15 4.62
CA LYS C 13 3.26 -1.60 5.00
C LYS C 13 3.28 -2.88 5.85
N GLU C 14 2.11 -3.28 6.32
CA GLU C 14 1.87 -4.35 7.31
C GLU C 14 1.60 -5.69 6.63
N ILE C 15 1.25 -5.67 5.33
CA ILE C 15 1.18 -6.84 4.46
C ILE C 15 2.41 -6.87 3.54
N VAL C 16 2.78 -5.75 2.91
CA VAL C 16 3.87 -5.76 1.91
C VAL C 16 5.21 -6.10 2.55
N GLU C 17 5.46 -5.65 3.79
CA GLU C 17 6.71 -6.00 4.49
C GLU C 17 6.69 -7.41 5.10
N ASN C 18 5.56 -8.12 4.96
CA ASN C 18 5.31 -9.44 5.52
C ASN C 18 5.32 -10.55 4.45
N GLU C 19 5.22 -10.19 3.15
CA GLU C 19 5.02 -11.14 2.06
C GLU C 19 6.33 -11.49 1.35
N ASP C 20 6.65 -10.78 0.26
CA ASP C 20 7.86 -10.96 -0.53
C ASP C 20 8.49 -9.62 -0.88
N LYS C 21 9.42 -9.18 -0.02
CA LYS C 21 10.34 -8.08 -0.33
C LYS C 21 11.20 -8.33 -1.58
N ARG C 22 11.34 -9.61 -1.98
CA ARG C 22 11.94 -10.10 -3.24
C ARG C 22 11.07 -9.87 -4.48
N LYS C 23 9.75 -9.68 -4.29
CA LYS C 23 8.71 -9.51 -5.33
C LYS C 23 7.61 -8.54 -4.81
N PRO C 24 7.89 -7.23 -4.73
CA PRO C 24 7.02 -6.28 -4.03
C PRO C 24 5.68 -6.07 -4.76
N TYR C 25 4.64 -5.66 -4.01
CA TYR C 25 3.41 -5.12 -4.60
C TYR C 25 3.65 -3.67 -5.09
N SER C 26 2.69 -3.14 -5.84
CA SER C 26 2.70 -1.78 -6.40
C SER C 26 1.46 -1.03 -5.97
N ASP C 27 1.42 0.27 -6.19
CA ASP C 27 0.25 1.11 -5.91
C ASP C 27 -1.06 0.60 -6.57
N GLN C 28 -1.02 -0.03 -7.74
CA GLN C 28 -2.18 -0.74 -8.28
C GLN C 28 -2.49 -2.00 -7.44
N GLU C 29 -1.52 -2.88 -7.23
CA GLU C 29 -1.75 -4.15 -6.57
C GLU C 29 -2.25 -3.99 -5.12
N ILE C 30 -1.59 -3.17 -4.29
CA ILE C 30 -2.07 -2.86 -2.94
C ILE C 30 -3.46 -2.20 -2.96
N ALA C 31 -3.75 -1.31 -3.93
CA ALA C 31 -5.09 -0.70 -4.02
C ALA C 31 -6.19 -1.76 -4.26
N ASN C 32 -5.86 -2.80 -5.04
CA ASN C 32 -6.77 -3.87 -5.41
C ASN C 32 -7.15 -4.76 -4.21
N ILE C 33 -6.18 -5.29 -3.48
CA ILE C 33 -6.44 -6.21 -2.33
C ILE C 33 -7.21 -5.51 -1.21
N LEU C 34 -6.98 -4.21 -1.03
CA LEU C 34 -7.66 -3.34 -0.07
C LEU C 34 -9.15 -3.16 -0.38
N LYS C 35 -9.54 -3.40 -1.63
CA LYS C 35 -10.95 -3.35 -2.06
C LYS C 35 -11.70 -4.64 -1.70
N GLU C 36 -10.98 -5.72 -1.37
CA GLU C 36 -11.58 -7.02 -1.08
C GLU C 36 -11.99 -7.15 0.38
N LYS C 37 -11.53 -6.24 1.27
CA LYS C 37 -11.65 -6.44 2.72
C LYS C 37 -12.22 -5.27 3.54
N GLY C 38 -12.11 -4.01 3.10
CA GLY C 38 -12.96 -2.96 3.68
C GLY C 38 -12.57 -1.51 3.40
N PHE C 39 -11.63 -1.27 2.49
CA PHE C 39 -10.99 0.04 2.34
C PHE C 39 -11.36 0.73 1.05
N LYS C 40 -11.50 -0.08 -0.02
CA LYS C 40 -11.94 0.28 -1.34
C LYS C 40 -11.37 1.61 -1.82
N VAL C 41 -10.06 1.77 -1.56
CA VAL C 41 -9.22 2.92 -1.94
C VAL C 41 -8.55 2.61 -3.30
N ALA C 42 -8.38 3.64 -4.13
CA ALA C 42 -7.73 3.65 -5.43
C ALA C 42 -6.22 3.95 -5.34
N ARG C 43 -5.55 3.78 -6.48
CA ARG C 43 -4.10 3.91 -6.64
C ARG C 43 -3.56 5.28 -6.28
N ARG C 44 -4.32 6.35 -6.53
CA ARG C 44 -3.88 7.74 -6.40
C ARG C 44 -3.47 8.05 -4.97
N THR C 45 -4.24 7.48 -4.06
CA THR C 45 -4.22 7.68 -2.63
C THR C 45 -3.20 6.75 -2.03
N VAL C 46 -3.28 5.48 -2.43
CA VAL C 46 -2.47 4.43 -1.87
C VAL C 46 -0.98 4.66 -2.21
N ALA C 47 -0.70 5.28 -3.37
CA ALA C 47 0.63 5.64 -3.84
C ALA C 47 1.25 6.72 -2.97
N LYS C 48 0.46 7.76 -2.67
CA LYS C 48 0.86 8.87 -1.81
C LYS C 48 1.02 8.45 -0.35
N TYR C 49 0.43 7.32 0.05
CA TYR C 49 0.53 6.78 1.40
C TYR C 49 1.81 5.98 1.61
N ARG C 50 2.16 5.04 0.70
CA ARG C 50 3.49 4.39 0.80
C ARG C 50 4.64 5.41 0.84
N GLU C 51 4.44 6.57 0.21
CA GLU C 51 5.40 7.69 0.21
C GLU C 51 5.48 8.42 1.57
N MET C 52 4.35 8.60 2.27
CA MET C 52 4.29 9.36 3.54
C MET C 52 4.63 8.51 4.77
N LEU C 53 4.39 7.19 4.73
CA LEU C 53 4.79 6.25 5.77
C LEU C 53 6.31 6.06 5.82
N GLY C 54 6.91 5.50 4.75
CA GLY C 54 8.38 5.38 4.65
C GLY C 54 8.98 4.64 3.44
N ILE C 55 8.16 4.19 2.48
CA ILE C 55 8.60 3.44 1.29
C ILE C 55 8.90 4.41 0.12
N PRO C 56 10.05 4.28 -0.57
CA PRO C 56 10.37 5.05 -1.77
C PRO C 56 9.49 4.59 -2.95
N SER C 57 9.62 3.32 -3.35
CA SER C 57 8.69 2.60 -4.23
C SER C 57 8.64 1.08 -4.03
N SER C 58 9.53 0.54 -3.21
CA SER C 58 9.89 -0.88 -3.05
C SER C 58 10.36 -1.62 -4.32
N ARG C 59 10.15 -1.08 -5.53
CA ARG C 59 10.77 -1.53 -6.78
C ARG C 59 12.26 -1.26 -6.71
N GLU C 60 12.62 -0.08 -6.20
CA GLU C 60 14.00 0.38 -6.08
C GLU C 60 14.75 -0.26 -4.89
N ARG C 61 14.01 -0.74 -3.87
CA ARG C 61 14.53 -1.55 -2.76
C ARG C 61 14.83 -2.99 -3.20
N ARG C 62 13.94 -3.59 -3.99
CA ARG C 62 14.02 -4.98 -4.45
C ARG C 62 15.11 -5.19 -5.51
N ILE C 63 15.01 -4.47 -6.64
CA ILE C 63 15.82 -4.68 -7.87
C ILE C 63 17.35 -4.65 -7.65
N HIS C 1 -16.21 8.26 -0.03
CA HIS C 1 -14.93 8.30 0.71
C HIS C 1 -15.18 7.90 2.17
N MET C 2 -14.66 6.73 2.59
CA MET C 2 -15.13 6.02 3.79
C MET C 2 -14.14 5.98 4.97
N LEU C 3 -12.83 6.03 4.73
CA LEU C 3 -11.85 5.60 5.74
C LEU C 3 -11.55 6.59 6.86
N THR C 4 -10.91 6.05 7.90
CA THR C 4 -10.42 6.78 9.08
C THR C 4 -9.16 7.60 8.77
N GLN C 5 -8.50 8.15 9.79
CA GLN C 5 -7.20 8.82 9.72
C GLN C 5 -6.11 8.04 8.95
N GLY C 6 -6.21 6.70 8.90
CA GLY C 6 -5.26 5.87 8.18
C GLY C 6 -5.63 4.40 8.04
N GLU C 7 -6.90 4.04 7.82
CA GLU C 7 -7.34 2.65 7.61
C GLU C 7 -6.70 1.99 6.37
N LEU C 8 -6.07 2.77 5.49
CA LEU C 8 -5.22 2.27 4.41
C LEU C 8 -3.72 2.54 4.65
N MET C 9 -3.36 3.48 5.54
CA MET C 9 -1.98 3.85 5.89
C MET C 9 -1.31 2.73 6.67
N LYS C 10 -1.84 2.40 7.85
CA LYS C 10 -1.25 1.47 8.81
C LYS C 10 -1.43 -0.01 8.43
N LEU C 11 -1.76 -0.25 7.15
CA LEU C 11 -2.17 -1.52 6.53
C LEU C 11 -1.36 -1.79 5.27
N ILE C 12 -0.99 -0.76 4.47
CA ILE C 12 -0.21 -1.01 3.25
C ILE C 12 1.14 -1.65 3.57
N LYS C 13 1.75 -1.27 4.71
CA LYS C 13 3.07 -1.80 5.13
C LYS C 13 2.96 -3.04 6.02
N GLU C 14 1.76 -3.33 6.50
CA GLU C 14 1.42 -4.39 7.45
C GLU C 14 0.99 -5.69 6.74
N ILE C 15 0.64 -5.60 5.45
CA ILE C 15 0.43 -6.74 4.56
C ILE C 15 1.66 -6.90 3.66
N VAL C 16 2.16 -5.84 3.02
CA VAL C 16 3.25 -5.96 2.04
C VAL C 16 4.54 -6.48 2.72
N GLU C 17 4.83 -6.03 3.94
CA GLU C 17 6.03 -6.52 4.64
C GLU C 17 5.79 -7.87 5.34
N ASN C 18 4.62 -8.48 5.15
CA ASN C 18 4.23 -9.77 5.69
C ASN C 18 4.09 -10.87 4.61
N GLU C 19 4.02 -10.50 3.32
CA GLU C 19 3.76 -11.43 2.22
C GLU C 19 5.06 -11.92 1.57
N ASP C 20 5.60 -11.16 0.61
CA ASP C 20 6.80 -11.49 -0.15
C ASP C 20 7.67 -10.25 -0.35
N LYS C 21 8.55 -9.99 0.62
CA LYS C 21 9.62 -8.97 0.52
C LYS C 21 10.51 -9.18 -0.72
N ARG C 22 10.63 -10.42 -1.19
CA ARG C 22 11.40 -10.87 -2.38
C ARG C 22 10.66 -10.66 -3.70
N LYS C 23 9.36 -10.37 -3.64
CA LYS C 23 8.43 -10.14 -4.77
C LYS C 23 7.36 -9.09 -4.38
N PRO C 24 7.71 -7.79 -4.30
CA PRO C 24 6.83 -6.76 -3.72
C PRO C 24 5.64 -6.40 -4.63
N TYR C 25 4.69 -5.67 -4.06
CA TYR C 25 3.56 -5.04 -4.77
C TYR C 25 3.92 -3.64 -5.29
N SER C 26 2.93 -2.94 -5.86
CA SER C 26 3.01 -1.56 -6.37
C SER C 26 1.73 -0.80 -6.03
N ASP C 27 1.66 0.51 -6.25
CA ASP C 27 0.48 1.34 -5.97
C ASP C 27 -0.84 0.75 -6.50
N GLN C 28 -0.91 0.31 -7.76
CA GLN C 28 -2.09 -0.37 -8.30
C GLN C 28 -2.33 -1.68 -7.55
N GLU C 29 -1.31 -2.52 -7.36
CA GLU C 29 -1.51 -3.83 -6.77
C GLU C 29 -2.02 -3.75 -5.32
N ILE C 30 -1.38 -2.95 -4.45
CA ILE C 30 -1.88 -2.72 -3.08
C ILE C 30 -3.28 -2.10 -3.06
N ALA C 31 -3.61 -1.19 -3.97
CA ALA C 31 -4.96 -0.61 -4.05
C ALA C 31 -6.03 -1.69 -4.31
N ASN C 32 -5.69 -2.69 -5.12
CA ASN C 32 -6.57 -3.79 -5.49
C ASN C 32 -6.90 -4.72 -4.32
N ILE C 33 -5.88 -5.25 -3.61
CA ILE C 33 -6.09 -6.20 -2.50
C ILE C 33 -6.85 -5.56 -1.33
N LEU C 34 -6.63 -4.25 -1.12
CA LEU C 34 -7.33 -3.43 -0.14
C LEU C 34 -8.84 -3.34 -0.41
N LYS C 35 -9.26 -3.54 -1.66
CA LYS C 35 -10.69 -3.56 -2.03
C LYS C 35 -11.37 -4.88 -1.69
N GLU C 36 -10.60 -5.93 -1.42
CA GLU C 36 -11.11 -7.28 -1.13
C GLU C 36 -11.45 -7.46 0.35
N LYS C 37 -11.00 -6.54 1.22
CA LYS C 37 -11.11 -6.69 2.68
C LYS C 37 -11.75 -5.50 3.41
N GLY C 38 -11.79 -4.30 2.82
CA GLY C 38 -12.86 -3.33 3.12
C GLY C 38 -12.54 -1.88 2.80
N PHE C 39 -11.36 -1.58 2.25
CA PHE C 39 -10.84 -0.23 2.19
C PHE C 39 -11.21 0.51 0.90
N LYS C 40 -11.56 -0.24 -0.16
CA LYS C 40 -11.89 0.13 -1.54
C LYS C 40 -11.10 1.32 -2.11
N VAL C 41 -9.88 1.55 -1.63
CA VAL C 41 -9.11 2.76 -1.94
C VAL C 41 -8.38 2.56 -3.28
N ALA C 42 -8.32 3.62 -4.09
CA ALA C 42 -7.69 3.72 -5.39
C ALA C 42 -6.20 4.09 -5.30
N ARG C 43 -5.52 3.92 -6.44
CA ARG C 43 -4.07 4.08 -6.59
C ARG C 43 -3.55 5.46 -6.23
N ARG C 44 -4.33 6.52 -6.44
CA ARG C 44 -3.89 7.91 -6.24
C ARG C 44 -3.59 8.18 -4.77
N THR C 45 -4.45 7.61 -3.95
CA THR C 45 -4.51 7.75 -2.51
C THR C 45 -3.43 6.89 -1.90
N VAL C 46 -3.41 5.63 -2.35
CA VAL C 46 -2.55 4.61 -1.80
C VAL C 46 -1.08 4.93 -2.09
N ALA C 47 -0.82 5.62 -3.21
CA ALA C 47 0.50 6.02 -3.68
C ALA C 47 1.07 7.16 -2.84
N LYS C 48 0.22 8.12 -2.44
CA LYS C 48 0.61 9.21 -1.55
C LYS C 48 0.94 8.74 -0.13
N TYR C 49 0.41 7.58 0.27
CA TYR C 49 0.55 7.04 1.62
C TYR C 49 1.85 6.25 1.79
N ARG C 50 2.19 5.33 0.86
CA ARG C 50 3.50 4.66 0.86
C ARG C 50 4.67 5.66 0.87
N GLU C 51 4.46 6.84 0.30
CA GLU C 51 5.45 7.93 0.28
C GLU C 51 5.61 8.60 1.67
N MET C 52 4.53 8.71 2.46
CA MET C 52 4.53 9.44 3.74
C MET C 52 4.85 8.56 4.96
N LEU C 53 4.52 7.25 4.91
CA LEU C 53 4.87 6.29 5.97
C LEU C 53 6.39 6.07 6.04
N GLY C 54 6.99 5.51 4.97
CA GLY C 54 8.45 5.39 4.89
C GLY C 54 9.06 4.66 3.68
N ILE C 55 8.27 4.21 2.70
CA ILE C 55 8.74 3.45 1.53
C ILE C 55 9.35 4.38 0.47
N PRO C 56 10.59 4.10 0.00
CA PRO C 56 11.20 4.71 -1.20
C PRO C 56 10.27 4.63 -2.42
N SER C 57 10.07 3.40 -2.91
CA SER C 57 9.12 2.82 -3.86
C SER C 57 9.69 1.45 -4.21
N SER C 58 9.07 0.40 -3.70
CA SER C 58 9.45 -1.04 -3.66
C SER C 58 10.07 -1.68 -4.92
N ARG C 59 10.15 -0.98 -6.05
CA ARG C 59 10.94 -1.36 -7.23
C ARG C 59 12.45 -1.25 -6.99
N GLU C 60 12.84 -0.53 -5.93
CA GLU C 60 14.24 -0.34 -5.51
C GLU C 60 14.57 -0.87 -4.11
N ARG C 61 13.57 -1.24 -3.30
CA ARG C 61 13.78 -1.98 -2.03
C ARG C 61 14.25 -3.42 -2.26
N ARG C 62 13.55 -4.15 -3.12
CA ARG C 62 13.72 -5.59 -3.37
C ARG C 62 14.98 -5.92 -4.18
N ILE C 63 15.10 -5.33 -5.38
CA ILE C 63 16.08 -5.68 -6.43
C ILE C 63 17.55 -5.63 -5.97
N HIS C 1 -13.89 11.60 0.58
CA HIS C 1 -13.22 10.61 1.46
C HIS C 1 -14.24 9.77 2.23
N MET C 2 -13.80 8.58 2.68
CA MET C 2 -14.64 7.56 3.33
C MET C 2 -13.95 6.90 4.55
N LEU C 3 -12.65 6.61 4.45
CA LEU C 3 -11.87 5.92 5.47
C LEU C 3 -11.52 6.80 6.69
N THR C 4 -10.96 6.14 7.71
CA THR C 4 -10.49 6.75 8.97
C THR C 4 -9.18 7.55 8.80
N GLN C 5 -8.56 7.95 9.91
CA GLN C 5 -7.23 8.57 9.98
C GLN C 5 -6.15 7.83 9.18
N GLY C 6 -6.30 6.52 8.95
CA GLY C 6 -5.41 5.78 8.07
C GLY C 6 -5.79 4.32 7.85
N GLU C 7 -7.06 3.99 7.58
CA GLU C 7 -7.52 2.61 7.33
C GLU C 7 -6.86 1.96 6.12
N LEU C 8 -6.22 2.73 5.24
CA LEU C 8 -5.35 2.24 4.16
C LEU C 8 -3.84 2.51 4.41
N MET C 9 -3.51 3.44 5.32
CA MET C 9 -2.14 3.91 5.60
C MET C 9 -1.37 2.87 6.41
N LYS C 10 -1.88 2.50 7.58
CA LYS C 10 -1.20 1.62 8.55
C LYS C 10 -1.26 0.12 8.14
N LEU C 11 -1.56 -0.13 6.86
CA LEU C 11 -1.87 -1.41 6.20
C LEU C 11 -0.96 -1.62 5.00
N ILE C 12 -0.74 -0.59 4.18
CA ILE C 12 0.08 -0.74 2.97
C ILE C 12 1.52 -1.15 3.30
N LYS C 13 2.08 -0.63 4.40
CA LYS C 13 3.44 -0.98 4.86
C LYS C 13 3.49 -2.28 5.67
N GLU C 14 2.35 -2.71 6.18
CA GLU C 14 2.16 -3.77 7.17
C GLU C 14 1.82 -5.13 6.52
N ILE C 15 1.44 -5.11 5.23
CA ILE C 15 1.35 -6.30 4.38
C ILE C 15 2.57 -6.33 3.46
N VAL C 16 2.93 -5.24 2.78
CA VAL C 16 3.99 -5.28 1.78
C VAL C 16 5.35 -5.61 2.40
N GLU C 17 5.63 -5.12 3.61
CA GLU C 17 6.89 -5.46 4.30
C GLU C 17 6.83 -6.82 5.01
N ASN C 18 5.73 -7.56 4.86
CA ASN C 18 5.46 -8.84 5.48
C ASN C 18 5.25 -10.00 4.48
N GLU C 19 5.13 -9.71 3.18
CA GLU C 19 4.81 -10.71 2.14
C GLU C 19 6.06 -11.15 1.37
N ASP C 20 6.47 -10.37 0.35
CA ASP C 20 7.54 -10.71 -0.57
C ASP C 20 8.42 -9.49 -0.87
N LYS C 21 9.40 -9.23 0.00
CA LYS C 21 10.45 -8.22 -0.21
C LYS C 21 11.29 -8.48 -1.48
N ARG C 22 11.35 -9.74 -1.93
CA ARG C 22 11.94 -10.21 -3.20
C ARG C 22 11.06 -10.00 -4.45
N LYS C 23 9.75 -9.76 -4.28
CA LYS C 23 8.75 -9.56 -5.34
C LYS C 23 7.66 -8.57 -4.87
N PRO C 24 7.94 -7.26 -4.84
CA PRO C 24 7.06 -6.25 -4.25
C PRO C 24 5.75 -6.06 -5.05
N TYR C 25 4.75 -5.46 -4.40
CA TYR C 25 3.52 -4.95 -5.04
C TYR C 25 3.79 -3.58 -5.70
N SER C 26 2.73 -2.93 -6.19
CA SER C 26 2.74 -1.54 -6.70
C SER C 26 1.51 -0.79 -6.24
N ASP C 27 1.48 0.53 -6.40
CA ASP C 27 0.33 1.38 -6.09
C ASP C 27 -0.99 0.89 -6.75
N GLN C 28 -0.92 0.27 -7.93
CA GLN C 28 -2.00 -0.51 -8.54
C GLN C 28 -2.38 -1.67 -7.62
N GLU C 29 -1.48 -2.62 -7.48
CA GLU C 29 -1.72 -3.89 -6.82
C GLU C 29 -2.21 -3.72 -5.37
N ILE C 30 -1.53 -2.91 -4.55
CA ILE C 30 -1.99 -2.60 -3.19
C ILE C 30 -3.38 -1.95 -3.18
N ALA C 31 -3.71 -1.08 -4.15
CA ALA C 31 -5.05 -0.52 -4.22
C ALA C 31 -6.12 -1.59 -4.50
N ASN C 32 -5.76 -2.61 -5.30
CA ASN C 32 -6.64 -3.71 -5.66
C ASN C 32 -6.98 -4.62 -4.48
N ILE C 33 -5.98 -5.13 -3.76
CA ILE C 33 -6.21 -6.08 -2.64
C ILE C 33 -6.99 -5.42 -1.49
N LEU C 34 -6.79 -4.11 -1.30
CA LEU C 34 -7.50 -3.28 -0.33
C LEU C 34 -8.99 -3.17 -0.64
N LYS C 35 -9.39 -3.39 -1.90
CA LYS C 35 -10.80 -3.39 -2.31
C LYS C 35 -11.50 -4.72 -1.99
N GLU C 36 -10.74 -5.77 -1.71
CA GLU C 36 -11.27 -7.12 -1.44
C GLU C 36 -11.65 -7.31 0.03
N LYS C 37 -11.23 -6.39 0.93
CA LYS C 37 -11.39 -6.55 2.38
C LYS C 37 -12.06 -5.36 3.09
N GLY C 38 -12.05 -4.15 2.50
CA GLY C 38 -13.12 -3.19 2.76
C GLY C 38 -12.79 -1.73 2.49
N PHE C 39 -11.59 -1.44 1.99
CA PHE C 39 -11.06 -0.08 1.95
C PHE C 39 -11.42 0.67 0.66
N LYS C 40 -11.73 -0.09 -0.40
CA LYS C 40 -12.05 0.29 -1.78
C LYS C 40 -11.28 1.51 -2.33
N VAL C 41 -10.04 1.72 -1.86
CA VAL C 41 -9.26 2.92 -2.17
C VAL C 41 -8.56 2.71 -3.53
N ALA C 42 -8.54 3.76 -4.36
CA ALA C 42 -7.95 3.83 -5.67
C ALA C 42 -6.43 4.01 -5.62
N ARG C 43 -5.76 3.68 -6.73
CA ARG C 43 -4.31 3.83 -6.92
C ARG C 43 -3.81 5.27 -6.72
N ARG C 44 -4.63 6.27 -6.99
CA ARG C 44 -4.26 7.70 -6.94
C ARG C 44 -3.99 8.15 -5.51
N THR C 45 -4.70 7.56 -4.55
CA THR C 45 -4.68 7.82 -3.13
C THR C 45 -3.58 7.01 -2.46
N VAL C 46 -3.56 5.71 -2.77
CA VAL C 46 -2.65 4.76 -2.16
C VAL C 46 -1.19 5.07 -2.51
N ALA C 47 -0.98 5.66 -3.69
CA ALA C 47 0.31 6.10 -4.19
C ALA C 47 0.87 7.24 -3.35
N LYS C 48 0.00 8.15 -2.91
CA LYS C 48 0.35 9.31 -2.09
C LYS C 48 0.64 8.94 -0.63
N TYR C 49 0.19 7.74 -0.20
CA TYR C 49 0.35 7.25 1.17
C TYR C 49 1.68 6.55 1.39
N ARG C 50 2.06 5.60 0.52
CA ARG C 50 3.39 4.95 0.61
C ARG C 50 4.55 5.95 0.61
N GLU C 51 4.33 7.15 0.06
CA GLU C 51 5.29 8.26 0.04
C GLU C 51 5.53 8.86 1.44
N MET C 52 4.47 9.06 2.23
CA MET C 52 4.53 9.74 3.53
C MET C 52 4.84 8.80 4.71
N LEU C 53 4.47 7.52 4.62
CA LEU C 53 4.76 6.50 5.65
C LEU C 53 6.26 6.17 5.72
N GLY C 54 6.84 5.70 4.61
CA GLY C 54 8.30 5.55 4.47
C GLY C 54 8.84 4.79 3.26
N ILE C 55 8.01 4.37 2.30
CA ILE C 55 8.41 3.51 1.17
C ILE C 55 8.82 4.37 -0.04
N PRO C 56 10.07 4.24 -0.56
CA PRO C 56 10.55 4.99 -1.71
C PRO C 56 9.79 4.57 -2.98
N SER C 57 9.84 3.28 -3.32
CA SER C 57 8.89 2.61 -4.21
C SER C 57 8.69 1.10 -3.92
N SER C 58 9.52 0.53 -3.04
CA SER C 58 9.74 -0.92 -2.79
C SER C 58 10.27 -1.74 -3.98
N ARG C 59 10.19 -1.22 -5.23
CA ARG C 59 10.87 -1.76 -6.41
C ARG C 59 12.36 -1.48 -6.31
N GLU C 60 12.71 -0.26 -5.90
CA GLU C 60 14.11 0.18 -5.77
C GLU C 60 14.84 -0.45 -4.58
N ARG C 61 14.07 -0.92 -3.58
CA ARG C 61 14.56 -1.74 -2.45
C ARG C 61 14.84 -3.19 -2.87
N ARG C 62 13.98 -3.77 -3.73
CA ARG C 62 14.07 -5.14 -4.21
C ARG C 62 15.20 -5.34 -5.24
N ILE C 63 15.15 -4.61 -6.35
CA ILE C 63 15.96 -4.80 -7.58
C ILE C 63 17.48 -4.80 -7.35
N HIS C 1 -14.00 11.18 0.30
CA HIS C 1 -13.34 10.45 1.40
C HIS C 1 -14.31 9.52 2.14
N MET C 2 -13.76 8.53 2.85
CA MET C 2 -14.52 7.51 3.60
C MET C 2 -13.77 7.05 4.86
N LEU C 3 -12.47 6.74 4.73
CA LEU C 3 -11.65 6.11 5.77
C LEU C 3 -11.28 7.04 6.95
N THR C 4 -10.68 6.42 7.96
CA THR C 4 -10.15 7.08 9.17
C THR C 4 -8.85 7.85 8.90
N GLN C 5 -8.18 8.31 9.96
CA GLN C 5 -6.85 8.93 9.92
C GLN C 5 -5.79 8.14 9.14
N GLY C 6 -5.95 6.81 9.02
CA GLY C 6 -5.05 5.98 8.21
C GLY C 6 -5.48 4.53 8.03
N GLU C 7 -6.77 4.21 7.80
CA GLU C 7 -7.26 2.86 7.59
C GLU C 7 -6.66 2.17 6.34
N LEU C 8 -6.01 2.93 5.46
CA LEU C 8 -5.18 2.41 4.36
C LEU C 8 -3.67 2.64 4.58
N MET C 9 -3.28 3.58 5.45
CA MET C 9 -1.89 3.96 5.74
C MET C 9 -1.17 2.87 6.52
N LYS C 10 -1.66 2.56 7.71
CA LYS C 10 -1.00 1.65 8.68
C LYS C 10 -1.12 0.16 8.29
N LEU C 11 -1.47 -0.11 7.02
CA LEU C 11 -1.85 -1.39 6.40
C LEU C 11 -0.98 -1.67 5.18
N ILE C 12 -0.75 -0.68 4.31
CA ILE C 12 0.06 -0.87 3.10
C ILE C 12 1.50 -1.30 3.44
N LYS C 13 2.11 -0.79 4.52
CA LYS C 13 3.44 -1.25 4.96
C LYS C 13 3.39 -2.53 5.81
N GLU C 14 2.23 -2.92 6.30
CA GLU C 14 2.02 -4.03 7.22
C GLU C 14 1.74 -5.35 6.49
N ILE C 15 1.36 -5.29 5.20
CA ILE C 15 1.26 -6.45 4.32
C ILE C 15 2.48 -6.52 3.42
N VAL C 16 2.93 -5.40 2.82
CA VAL C 16 4.04 -5.46 1.85
C VAL C 16 5.35 -5.80 2.55
N GLU C 17 5.55 -5.40 3.82
CA GLU C 17 6.75 -5.81 4.58
C GLU C 17 6.66 -7.25 5.13
N ASN C 18 5.53 -7.91 4.91
CA ASN C 18 5.21 -9.24 5.41
C ASN C 18 5.20 -10.32 4.31
N GLU C 19 5.18 -9.93 3.02
CA GLU C 19 4.93 -10.87 1.91
C GLU C 19 6.21 -11.23 1.16
N ASP C 20 6.44 -10.64 -0.01
CA ASP C 20 7.51 -11.01 -0.92
C ASP C 20 8.11 -9.74 -1.54
N LYS C 21 9.00 -9.07 -0.79
CA LYS C 21 9.77 -7.91 -1.28
C LYS C 21 10.70 -8.23 -2.47
N ARG C 22 11.01 -9.52 -2.69
CA ARG C 22 11.61 -10.09 -3.91
C ARG C 22 10.72 -10.02 -5.17
N LYS C 23 9.40 -9.89 -4.97
CA LYS C 23 8.34 -9.77 -5.99
C LYS C 23 7.26 -8.78 -5.49
N PRO C 24 7.57 -7.48 -5.31
CA PRO C 24 6.77 -6.55 -4.53
C PRO C 24 5.42 -6.19 -5.18
N TYR C 25 4.48 -5.66 -4.39
CA TYR C 25 3.27 -5.02 -4.90
C TYR C 25 3.56 -3.59 -5.41
N SER C 26 2.57 -3.00 -6.07
CA SER C 26 2.61 -1.64 -6.62
C SER C 26 1.43 -0.83 -6.09
N ASP C 27 1.41 0.48 -6.32
CA ASP C 27 0.25 1.32 -5.99
C ASP C 27 -1.07 0.83 -6.61
N GLN C 28 -1.09 0.20 -7.78
CA GLN C 28 -2.26 -0.50 -8.30
C GLN C 28 -2.57 -1.75 -7.47
N GLU C 29 -1.60 -2.66 -7.30
CA GLU C 29 -1.85 -3.93 -6.64
C GLU C 29 -2.30 -3.76 -5.18
N ILE C 30 -1.60 -2.95 -4.37
CA ILE C 30 -2.08 -2.64 -3.00
C ILE C 30 -3.46 -1.99 -2.99
N ALA C 31 -3.77 -1.10 -3.95
CA ALA C 31 -5.12 -0.49 -4.01
C ALA C 31 -6.21 -1.56 -4.25
N ASN C 32 -5.89 -2.59 -5.04
CA ASN C 32 -6.81 -3.66 -5.40
C ASN C 32 -7.17 -4.57 -4.21
N ILE C 33 -6.19 -5.11 -3.50
CA ILE C 33 -6.43 -6.03 -2.37
C ILE C 33 -7.19 -5.34 -1.24
N LEU C 34 -6.93 -4.05 -1.05
CA LEU C 34 -7.61 -3.19 -0.06
C LEU C 34 -9.10 -3.03 -0.35
N LYS C 35 -9.51 -3.22 -1.60
CA LYS C 35 -10.93 -3.17 -1.99
C LYS C 35 -11.67 -4.48 -1.69
N GLU C 36 -10.94 -5.56 -1.40
CA GLU C 36 -11.53 -6.88 -1.13
C GLU C 36 -11.90 -7.05 0.35
N LYS C 37 -11.42 -6.15 1.23
CA LYS C 37 -11.58 -6.29 2.69
C LYS C 37 -12.20 -5.08 3.40
N GLY C 38 -12.15 -3.89 2.82
CA GLY C 38 -13.18 -2.87 3.08
C GLY C 38 -12.78 -1.43 2.81
N PHE C 39 -11.55 -1.19 2.32
CA PHE C 39 -10.99 0.15 2.26
C PHE C 39 -11.35 0.90 0.98
N LYS C 40 -11.69 0.14 -0.08
CA LYS C 40 -12.02 0.53 -1.47
C LYS C 40 -11.22 1.72 -2.01
N VAL C 41 -9.98 1.91 -1.56
CA VAL C 41 -9.16 3.08 -1.90
C VAL C 41 -8.51 2.85 -3.28
N ALA C 42 -8.48 3.88 -4.10
CA ALA C 42 -7.93 3.94 -5.44
C ALA C 42 -6.40 4.14 -5.42
N ARG C 43 -5.78 3.83 -6.56
CA ARG C 43 -4.33 3.91 -6.77
C ARG C 43 -3.76 5.32 -6.62
N ARG C 44 -4.55 6.37 -6.85
CA ARG C 44 -4.10 7.79 -6.78
C ARG C 44 -3.79 8.20 -5.34
N THR C 45 -4.50 7.64 -4.38
CA THR C 45 -4.45 7.88 -2.96
C THR C 45 -3.35 7.05 -2.34
N VAL C 46 -3.39 5.75 -2.64
CA VAL C 46 -2.53 4.77 -2.01
C VAL C 46 -1.06 5.00 -2.40
N ALA C 47 -0.84 5.56 -3.61
CA ALA C 47 0.46 5.93 -4.13
C ALA C 47 1.09 7.03 -3.28
N LYS C 48 0.28 8.04 -2.90
CA LYS C 48 0.72 9.16 -2.06
C LYS C 48 0.96 8.74 -0.61
N TYR C 49 0.46 7.58 -0.19
CA TYR C 49 0.63 7.05 1.15
C TYR C 49 1.92 6.27 1.31
N ARG C 50 2.21 5.29 0.43
CA ARG C 50 3.49 4.56 0.49
C ARG C 50 4.71 5.50 0.44
N GLU C 51 4.54 6.70 -0.13
CA GLU C 51 5.56 7.74 -0.22
C GLU C 51 5.91 8.37 1.14
N MET C 52 4.91 8.61 1.99
CA MET C 52 5.07 9.33 3.26
C MET C 52 5.33 8.42 4.48
N LEU C 53 4.90 7.15 4.43
CA LEU C 53 5.12 6.15 5.48
C LEU C 53 6.59 5.71 5.55
N GLY C 54 7.11 5.13 4.47
CA GLY C 54 8.55 4.82 4.37
C GLY C 54 9.05 4.09 3.11
N ILE C 55 8.18 3.77 2.16
CA ILE C 55 8.53 3.03 0.93
C ILE C 55 9.00 4.00 -0.17
N PRO C 56 10.17 3.77 -0.81
CA PRO C 56 10.63 4.57 -1.94
C PRO C 56 9.80 4.26 -3.20
N SER C 57 9.81 3.00 -3.65
CA SER C 57 8.83 2.42 -4.60
C SER C 57 8.64 0.90 -4.48
N SER C 58 9.46 0.23 -3.66
CA SER C 58 9.69 -1.22 -3.60
C SER C 58 10.22 -1.88 -4.88
N ARG C 59 10.03 -1.28 -6.06
CA ARG C 59 10.67 -1.71 -7.32
C ARG C 59 12.16 -1.47 -7.22
N GLU C 60 12.54 -0.31 -6.68
CA GLU C 60 13.94 0.10 -6.55
C GLU C 60 14.68 -0.67 -5.44
N ARG C 61 13.95 -1.16 -4.43
CA ARG C 61 14.44 -2.09 -3.41
C ARG C 61 14.68 -3.49 -3.97
N ARG C 62 13.76 -4.01 -4.80
CA ARG C 62 13.77 -5.36 -5.37
C ARG C 62 14.81 -5.52 -6.49
N ILE C 63 14.66 -4.73 -7.57
CA ILE C 63 15.33 -4.90 -8.88
C ILE C 63 16.86 -5.02 -8.80
N HIS C 1 -12.42 11.98 0.86
CA HIS C 1 -12.25 11.23 2.13
C HIS C 1 -13.22 10.06 2.19
N MET C 2 -12.72 8.85 2.46
CA MET C 2 -13.51 7.60 2.57
C MET C 2 -13.28 6.82 3.86
N LEU C 3 -12.15 7.00 4.54
CA LEU C 3 -11.67 6.17 5.65
C LEU C 3 -11.39 6.99 6.93
N THR C 4 -10.81 6.32 7.93
CA THR C 4 -10.44 6.88 9.25
C THR C 4 -9.23 7.83 9.18
N GLN C 5 -8.60 8.12 10.32
CA GLN C 5 -7.30 8.81 10.41
C GLN C 5 -6.21 8.25 9.49
N GLY C 6 -6.30 6.97 9.09
CA GLY C 6 -5.48 6.39 8.03
C GLY C 6 -5.69 4.90 7.82
N GLU C 7 -6.92 4.42 7.60
CA GLU C 7 -7.26 3.00 7.48
C GLU C 7 -6.63 2.31 6.27
N LEU C 8 -6.10 3.08 5.33
CA LEU C 8 -5.24 2.58 4.24
C LEU C 8 -3.76 2.93 4.43
N MET C 9 -3.42 3.93 5.26
CA MET C 9 -2.06 4.43 5.50
C MET C 9 -1.27 3.42 6.34
N LYS C 10 -1.75 3.12 7.55
CA LYS C 10 -1.05 2.29 8.55
C LYS C 10 -1.08 0.78 8.21
N LEU C 11 -1.43 0.44 6.96
CA LEU C 11 -1.71 -0.88 6.41
C LEU C 11 -0.87 -1.16 5.16
N ILE C 12 -0.69 -0.18 4.27
CA ILE C 12 0.13 -0.38 3.06
C ILE C 12 1.60 -0.72 3.41
N LYS C 13 2.12 -0.17 4.51
CA LYS C 13 3.48 -0.47 5.01
C LYS C 13 3.53 -1.75 5.86
N GLU C 14 2.39 -2.21 6.34
CA GLU C 14 2.23 -3.28 7.34
C GLU C 14 1.94 -4.63 6.68
N ILE C 15 1.61 -4.63 5.38
CA ILE C 15 1.56 -5.84 4.54
C ILE C 15 2.79 -5.86 3.64
N VAL C 16 3.15 -4.76 2.95
CA VAL C 16 4.23 -4.82 1.96
C VAL C 16 5.59 -5.06 2.64
N GLU C 17 5.80 -4.55 3.86
CA GLU C 17 7.05 -4.84 4.58
C GLU C 17 7.06 -6.24 5.23
N ASN C 18 5.96 -6.98 5.11
CA ASN C 18 5.70 -8.25 5.76
C ASN C 18 5.52 -9.43 4.79
N GLU C 19 5.44 -9.17 3.47
CA GLU C 19 5.05 -10.21 2.49
C GLU C 19 6.25 -10.74 1.72
N ASP C 20 6.51 -10.24 0.50
CA ASP C 20 7.58 -10.69 -0.37
C ASP C 20 8.29 -9.49 -1.01
N LYS C 21 9.23 -8.89 -0.30
CA LYS C 21 10.07 -7.78 -0.79
C LYS C 21 10.95 -8.17 -2.00
N ARG C 22 11.16 -9.47 -2.23
CA ARG C 22 11.77 -10.06 -3.45
C ARG C 22 10.81 -10.20 -4.65
N LYS C 23 9.49 -10.03 -4.43
CA LYS C 23 8.42 -10.03 -5.45
C LYS C 23 7.33 -9.01 -5.04
N PRO C 24 7.63 -7.69 -5.06
CA PRO C 24 6.81 -6.68 -4.38
C PRO C 24 5.49 -6.40 -5.11
N TYR C 25 4.57 -5.72 -4.41
CA TYR C 25 3.36 -5.12 -4.97
C TYR C 25 3.68 -3.79 -5.70
N SER C 26 2.64 -3.12 -6.18
CA SER C 26 2.67 -1.77 -6.76
C SER C 26 1.49 -0.95 -6.22
N ASP C 27 1.44 0.35 -6.48
CA ASP C 27 0.27 1.18 -6.16
C ASP C 27 -1.06 0.65 -6.73
N GLN C 28 -1.08 0.00 -7.89
CA GLN C 28 -2.26 -0.71 -8.38
C GLN C 28 -2.55 -1.94 -7.50
N GLU C 29 -1.58 -2.82 -7.29
CA GLU C 29 -1.80 -4.07 -6.58
C GLU C 29 -2.23 -3.84 -5.13
N ILE C 30 -1.54 -2.99 -4.36
CA ILE C 30 -1.97 -2.62 -3.00
C ILE C 30 -3.37 -2.01 -2.98
N ALA C 31 -3.74 -1.16 -3.95
CA ALA C 31 -5.10 -0.61 -4.03
C ALA C 31 -6.15 -1.71 -4.25
N ASN C 32 -5.80 -2.75 -5.01
CA ASN C 32 -6.67 -3.86 -5.36
C ASN C 32 -7.00 -4.75 -4.15
N ILE C 33 -5.99 -5.24 -3.43
CA ILE C 33 -6.21 -6.16 -2.27
C ILE C 33 -6.98 -5.44 -1.16
N LEU C 34 -6.75 -4.15 -0.99
CA LEU C 34 -7.44 -3.27 -0.03
C LEU C 34 -8.94 -3.18 -0.30
N LYS C 35 -9.37 -3.39 -1.55
CA LYS C 35 -10.79 -3.40 -1.92
C LYS C 35 -11.49 -4.70 -1.56
N GLU C 36 -10.73 -5.76 -1.27
CA GLU C 36 -11.27 -7.09 -0.96
C GLU C 36 -11.60 -7.24 0.53
N LYS C 37 -11.13 -6.32 1.40
CA LYS C 37 -11.26 -6.44 2.86
C LYS C 37 -11.90 -5.24 3.56
N GLY C 38 -11.91 -4.05 2.96
CA GLY C 38 -12.95 -3.05 3.27
C GLY C 38 -12.61 -1.60 2.95
N PHE C 39 -11.43 -1.34 2.37
CA PHE C 39 -10.89 0.00 2.27
C PHE C 39 -11.29 0.72 0.97
N LYS C 40 -11.70 -0.06 -0.05
CA LYS C 40 -12.07 0.28 -1.44
C LYS C 40 -11.27 1.42 -2.09
N VAL C 41 -10.03 1.66 -1.64
CA VAL C 41 -9.27 2.86 -2.02
C VAL C 41 -8.62 2.62 -3.39
N ALA C 42 -8.65 3.63 -4.25
CA ALA C 42 -8.10 3.66 -5.59
C ALA C 42 -6.57 3.82 -5.58
N ARG C 43 -5.93 3.43 -6.70
CA ARG C 43 -4.49 3.57 -6.94
C ARG C 43 -4.01 5.02 -6.80
N ARG C 44 -4.86 6.00 -7.12
CA ARG C 44 -4.53 7.43 -7.16
C ARG C 44 -4.19 7.97 -5.78
N THR C 45 -4.86 7.45 -4.77
CA THR C 45 -4.80 7.77 -3.36
C THR C 45 -3.65 7.03 -2.72
N VAL C 46 -3.63 5.71 -2.94
CA VAL C 46 -2.68 4.82 -2.30
C VAL C 46 -1.25 5.14 -2.73
N ALA C 47 -1.09 5.64 -3.96
CA ALA C 47 0.17 6.04 -4.57
C ALA C 47 0.78 7.26 -3.89
N LYS C 48 -0.10 8.16 -3.44
CA LYS C 48 0.28 9.38 -2.70
C LYS C 48 0.47 9.13 -1.19
N TYR C 49 0.09 7.94 -0.68
CA TYR C 49 0.27 7.53 0.72
C TYR C 49 1.60 6.81 0.93
N ARG C 50 1.93 5.80 0.13
CA ARG C 50 3.24 5.13 0.17
C ARG C 50 4.43 6.09 0.03
N GLU C 51 4.18 7.28 -0.52
CA GLU C 51 5.15 8.39 -0.62
C GLU C 51 5.56 8.96 0.74
N MET C 52 4.60 9.13 1.67
CA MET C 52 4.79 9.84 2.95
C MET C 52 5.13 8.91 4.13
N LEU C 53 4.72 7.64 4.08
CA LEU C 53 4.95 6.66 5.14
C LEU C 53 6.40 6.18 5.18
N GLY C 54 6.88 5.59 4.08
CA GLY C 54 8.32 5.34 3.90
C GLY C 54 8.77 4.52 2.69
N ILE C 55 7.85 3.92 1.93
CA ILE C 55 8.18 3.05 0.79
C ILE C 55 8.77 3.88 -0.37
N PRO C 56 10.01 3.58 -0.83
CA PRO C 56 10.63 4.28 -1.94
C PRO C 56 9.88 3.95 -3.24
N SER C 57 9.91 2.68 -3.64
CA SER C 57 8.94 2.05 -4.56
C SER C 57 8.74 0.54 -4.33
N SER C 58 9.60 -0.07 -3.51
CA SER C 58 9.86 -1.51 -3.36
C SER C 58 10.30 -2.26 -4.64
N ARG C 59 10.09 -1.72 -5.85
CA ARG C 59 10.71 -2.20 -7.09
C ARG C 59 12.20 -1.93 -7.03
N GLU C 60 12.57 -0.75 -6.54
CA GLU C 60 13.97 -0.29 -6.48
C GLU C 60 14.80 -1.01 -5.40
N ARG C 61 14.12 -1.58 -4.39
CA ARG C 61 14.67 -2.53 -3.42
C ARG C 61 14.94 -3.89 -4.04
N ARG C 62 13.98 -4.41 -4.82
CA ARG C 62 13.92 -5.76 -5.36
C ARG C 62 14.87 -5.97 -6.56
N ILE C 63 14.68 -5.18 -7.62
CA ILE C 63 15.26 -5.33 -8.98
C ILE C 63 16.80 -5.43 -9.00
N HIS C 1 -16.31 8.64 -0.44
CA HIS C 1 -15.14 8.73 0.48
C HIS C 1 -15.50 8.03 1.79
N MET C 2 -14.85 6.89 2.08
CA MET C 2 -15.32 5.90 3.05
C MET C 2 -14.41 5.65 4.26
N LEU C 3 -13.09 5.85 4.14
CA LEU C 3 -12.13 5.53 5.21
C LEU C 3 -11.94 6.63 6.25
N THR C 4 -11.25 6.25 7.33
CA THR C 4 -10.78 7.16 8.39
C THR C 4 -9.58 8.00 7.92
N GLN C 5 -8.97 8.75 8.85
CA GLN C 5 -7.71 9.48 8.64
C GLN C 5 -6.56 8.64 8.07
N GLY C 6 -6.58 7.31 8.25
CA GLY C 6 -5.52 6.44 7.77
C GLY C 6 -5.85 4.94 7.69
N GLU C 7 -7.08 4.50 7.47
CA GLU C 7 -7.44 3.08 7.35
C GLU C 7 -6.75 2.37 6.16
N LEU C 8 -6.11 3.12 5.26
CA LEU C 8 -5.20 2.60 4.24
C LEU C 8 -3.72 3.00 4.48
N MET C 9 -3.46 4.03 5.31
CA MET C 9 -2.11 4.49 5.69
C MET C 9 -1.42 3.44 6.54
N LYS C 10 -1.93 3.23 7.76
CA LYS C 10 -1.33 2.37 8.80
C LYS C 10 -1.45 0.86 8.51
N LEU C 11 -1.78 0.50 7.26
CA LEU C 11 -2.11 -0.82 6.74
C LEU C 11 -1.25 -1.18 5.52
N ILE C 12 -0.90 -0.22 4.66
CA ILE C 12 -0.06 -0.56 3.49
C ILE C 12 1.31 -1.11 3.91
N LYS C 13 1.83 -0.69 5.06
CA LYS C 13 3.14 -1.11 5.58
C LYS C 13 3.06 -2.21 6.64
N GLU C 14 1.86 -2.52 7.12
CA GLU C 14 1.57 -3.56 8.09
C GLU C 14 1.31 -4.92 7.41
N ILE C 15 1.04 -4.92 6.09
CA ILE C 15 1.01 -6.12 5.27
C ILE C 15 2.31 -6.21 4.47
N VAL C 16 2.74 -5.17 3.75
CA VAL C 16 3.90 -5.30 2.85
C VAL C 16 5.17 -5.61 3.64
N GLU C 17 5.34 -5.05 4.84
CA GLU C 17 6.55 -5.33 5.64
C GLU C 17 6.48 -6.67 6.40
N ASN C 18 5.36 -7.40 6.26
CA ASN C 18 5.08 -8.65 6.95
C ASN C 18 5.09 -9.87 6.00
N GLU C 19 4.94 -9.65 4.68
CA GLU C 19 4.68 -10.72 3.71
C GLU C 19 5.97 -11.25 3.07
N ASP C 20 6.34 -10.73 1.90
CA ASP C 20 7.48 -11.20 1.12
C ASP C 20 8.24 -10.03 0.50
N LYS C 21 9.16 -9.47 1.27
CA LYS C 21 10.16 -8.48 0.80
C LYS C 21 11.06 -9.02 -0.34
N ARG C 22 11.18 -10.35 -0.46
CA ARG C 22 11.79 -11.09 -1.57
C ARG C 22 11.01 -11.03 -2.89
N LYS C 23 9.69 -10.78 -2.83
CA LYS C 23 8.73 -10.71 -3.94
C LYS C 23 7.63 -9.67 -3.63
N PRO C 24 7.95 -8.37 -3.64
CA PRO C 24 7.09 -7.33 -3.07
C PRO C 24 5.88 -6.97 -3.96
N TYR C 25 5.01 -6.12 -3.41
CA TYR C 25 3.85 -5.52 -4.09
C TYR C 25 4.21 -4.18 -4.79
N SER C 26 3.19 -3.52 -5.34
CA SER C 26 3.23 -2.16 -5.91
C SER C 26 1.95 -1.41 -5.54
N ASP C 27 1.82 -0.13 -5.89
CA ASP C 27 0.60 0.65 -5.71
C ASP C 27 -0.68 -0.05 -6.23
N GLN C 28 -0.69 -0.61 -7.44
CA GLN C 28 -1.81 -1.39 -7.93
C GLN C 28 -2.05 -2.61 -7.01
N GLU C 29 -1.02 -3.41 -6.72
CA GLU C 29 -1.23 -4.63 -5.97
C GLU C 29 -1.68 -4.38 -4.52
N ILE C 30 -1.09 -3.43 -3.78
CA ILE C 30 -1.61 -3.05 -2.46
C ILE C 30 -3.04 -2.50 -2.56
N ALA C 31 -3.40 -1.71 -3.58
CA ALA C 31 -4.79 -1.26 -3.77
C ALA C 31 -5.76 -2.44 -3.97
N ASN C 32 -5.31 -3.49 -4.65
CA ASN C 32 -6.06 -4.69 -4.99
C ASN C 32 -6.41 -5.51 -3.75
N ILE C 33 -5.43 -5.86 -2.91
CA ILE C 33 -5.65 -6.67 -1.69
C ILE C 33 -6.48 -5.92 -0.65
N LEU C 34 -6.33 -4.58 -0.60
CA LEU C 34 -7.12 -3.69 0.27
C LEU C 34 -8.60 -3.70 -0.08
N LYS C 35 -8.94 -4.07 -1.31
CA LYS C 35 -10.34 -4.19 -1.74
C LYS C 35 -10.98 -5.53 -1.33
N GLU C 36 -10.17 -6.51 -0.94
CA GLU C 36 -10.64 -7.84 -0.54
C GLU C 36 -11.07 -7.90 0.93
N LYS C 37 -10.72 -6.88 1.74
CA LYS C 37 -10.92 -6.88 3.19
C LYS C 37 -11.67 -5.67 3.75
N GLY C 38 -11.70 -4.54 3.04
CA GLY C 38 -12.83 -3.60 3.14
C GLY C 38 -12.54 -2.16 2.74
N PHE C 39 -11.31 -1.86 2.32
CA PHE C 39 -10.87 -0.48 2.14
C PHE C 39 -11.25 0.07 0.77
N LYS C 40 -11.33 -0.83 -0.23
CA LYS C 40 -11.54 -0.62 -1.68
C LYS C 40 -11.00 0.72 -2.21
N VAL C 41 -9.82 1.10 -1.73
CA VAL C 41 -9.11 2.33 -2.13
C VAL C 41 -8.43 2.08 -3.48
N ALA C 42 -8.47 3.07 -4.36
CA ALA C 42 -7.85 3.10 -5.67
C ALA C 42 -6.35 3.43 -5.61
N ARG C 43 -5.67 3.13 -6.72
CA ARG C 43 -4.22 3.21 -6.87
C ARG C 43 -3.65 4.61 -6.68
N ARG C 44 -4.39 5.68 -7.00
CA ARG C 44 -3.84 7.05 -6.93
C ARG C 44 -3.67 7.51 -5.48
N THR C 45 -4.52 7.03 -4.59
CA THR C 45 -4.53 7.34 -3.17
C THR C 45 -3.46 6.53 -2.49
N VAL C 46 -3.45 5.23 -2.79
CA VAL C 46 -2.54 4.29 -2.18
C VAL C 46 -1.09 4.61 -2.56
N ALA C 47 -0.88 5.14 -3.78
CA ALA C 47 0.42 5.52 -4.32
C ALA C 47 0.99 6.78 -3.67
N LYS C 48 0.11 7.74 -3.36
CA LYS C 48 0.43 8.97 -2.64
C LYS C 48 0.64 8.74 -1.13
N TYR C 49 0.21 7.59 -0.61
CA TYR C 49 0.34 7.19 0.79
C TYR C 49 1.64 6.44 1.06
N ARG C 50 1.98 5.42 0.25
CA ARG C 50 3.33 4.79 0.32
C ARG C 50 4.46 5.80 0.13
N GLU C 51 4.18 6.93 -0.53
CA GLU C 51 5.09 8.08 -0.64
C GLU C 51 5.31 8.81 0.70
N MET C 52 4.23 9.07 1.45
CA MET C 52 4.25 9.91 2.66
C MET C 52 4.61 9.15 3.94
N LEU C 53 4.29 7.85 3.99
CA LEU C 53 4.69 6.94 5.07
C LEU C 53 6.22 6.72 5.07
N GLY C 54 6.77 6.09 4.02
CA GLY C 54 8.23 6.03 3.84
C GLY C 54 8.82 5.15 2.73
N ILE C 55 8.02 4.55 1.85
CA ILE C 55 8.49 3.58 0.84
C ILE C 55 9.04 4.28 -0.42
N PRO C 56 10.30 4.01 -0.83
CA PRO C 56 10.89 4.44 -2.11
C PRO C 56 10.01 4.08 -3.32
N SER C 57 9.76 2.78 -3.52
CA SER C 57 8.71 2.24 -4.43
C SER C 57 8.33 0.78 -4.20
N SER C 58 9.19 0.02 -3.51
CA SER C 58 9.21 -1.46 -3.46
C SER C 58 9.45 -2.16 -4.81
N ARG C 59 9.62 -1.41 -5.91
CA ARG C 59 10.15 -1.89 -7.21
C ARG C 59 11.69 -1.85 -7.24
N GLU C 60 12.31 -1.12 -6.31
CA GLU C 60 13.76 -0.89 -6.24
C GLU C 60 14.41 -1.40 -4.93
N ARG C 61 13.59 -1.70 -3.91
CA ARG C 61 14.02 -2.24 -2.60
C ARG C 61 14.52 -3.68 -2.72
N ARG C 62 13.75 -4.53 -3.43
CA ARG C 62 13.96 -5.98 -3.55
C ARG C 62 15.12 -6.33 -4.50
N ILE C 63 15.02 -5.85 -5.74
CA ILE C 63 15.85 -6.22 -6.90
C ILE C 63 17.37 -6.05 -6.69
N HIS C 1 -13.56 12.72 1.22
CA HIS C 1 -12.93 11.81 2.22
C HIS C 1 -13.77 10.54 2.39
N MET C 2 -13.10 9.43 2.70
CA MET C 2 -13.73 8.10 2.92
C MET C 2 -13.23 7.42 4.21
N LEU C 3 -11.92 7.40 4.43
CA LEU C 3 -11.26 6.70 5.53
C LEU C 3 -10.86 7.62 6.69
N THR C 4 -10.30 7.01 7.73
CA THR C 4 -9.85 7.66 8.98
C THR C 4 -8.57 8.49 8.80
N GLN C 5 -7.90 8.85 9.90
CA GLN C 5 -6.56 9.45 9.92
C GLN C 5 -5.52 8.71 9.06
N GLY C 6 -5.70 7.40 8.82
CA GLY C 6 -4.90 6.65 7.86
C GLY C 6 -5.26 5.18 7.75
N GLU C 7 -6.54 4.81 7.56
CA GLU C 7 -6.99 3.42 7.51
C GLU C 7 -6.42 2.62 6.33
N LEU C 8 -5.83 3.29 5.34
CA LEU C 8 -5.02 2.67 4.29
C LEU C 8 -3.50 2.94 4.45
N MET C 9 -3.12 3.96 5.24
CA MET C 9 -1.73 4.41 5.44
C MET C 9 -0.95 3.43 6.30
N LYS C 10 -1.43 3.17 7.51
CA LYS C 10 -0.75 2.36 8.54
C LYS C 10 -0.86 0.85 8.27
N LEU C 11 -1.24 0.48 7.03
CA LEU C 11 -1.60 -0.84 6.51
C LEU C 11 -0.78 -1.19 5.28
N ILE C 12 -0.54 -0.22 4.37
CA ILE C 12 0.21 -0.52 3.14
C ILE C 12 1.64 -0.97 3.46
N LYS C 13 2.27 -0.37 4.48
CA LYS C 13 3.63 -0.76 4.91
C LYS C 13 3.65 -1.98 5.83
N GLU C 14 2.50 -2.34 6.39
CA GLU C 14 2.33 -3.32 7.48
C GLU C 14 1.92 -4.70 6.94
N ILE C 15 1.45 -4.77 5.69
CA ILE C 15 1.25 -6.01 4.94
C ILE C 15 2.43 -6.23 4.01
N VAL C 16 2.93 -5.21 3.29
CA VAL C 16 4.00 -5.41 2.31
C VAL C 16 5.32 -5.77 3.01
N GLU C 17 5.57 -5.26 4.23
CA GLU C 17 6.77 -5.66 5.00
C GLU C 17 6.60 -7.03 5.68
N ASN C 18 5.42 -7.64 5.57
CA ASN C 18 5.05 -8.90 6.20
C ASN C 18 5.02 -10.07 5.21
N GLU C 19 4.99 -9.81 3.89
CA GLU C 19 4.73 -10.82 2.87
C GLU C 19 6.01 -11.31 2.18
N ASP C 20 6.34 -10.77 1.01
CA ASP C 20 7.49 -11.16 0.22
C ASP C 20 8.19 -9.91 -0.34
N LYS C 21 9.12 -9.37 0.44
CA LYS C 21 9.98 -8.23 0.05
C LYS C 21 10.87 -8.50 -1.18
N ARG C 22 11.06 -9.78 -1.56
CA ARG C 22 11.73 -10.23 -2.81
C ARG C 22 10.79 -10.50 -3.99
N LYS C 23 9.48 -10.36 -3.74
CA LYS C 23 8.36 -10.44 -4.71
C LYS C 23 7.27 -9.40 -4.37
N PRO C 24 7.58 -8.09 -4.44
CA PRO C 24 6.75 -7.03 -3.85
C PRO C 24 5.42 -6.82 -4.60
N TYR C 25 4.46 -6.19 -3.93
CA TYR C 25 3.27 -5.62 -4.55
C TYR C 25 3.59 -4.31 -5.29
N SER C 26 2.58 -3.67 -5.88
CA SER C 26 2.67 -2.34 -6.50
C SER C 26 1.38 -1.57 -6.24
N ASP C 27 1.32 -0.28 -6.60
CA ASP C 27 0.17 0.57 -6.27
C ASP C 27 -1.20 0.02 -6.75
N GLN C 28 -1.29 -0.68 -7.88
CA GLN C 28 -2.50 -1.40 -8.26
C GLN C 28 -2.75 -2.58 -7.30
N GLU C 29 -1.75 -3.43 -7.07
CA GLU C 29 -1.91 -4.64 -6.28
C GLU C 29 -2.33 -4.33 -4.84
N ILE C 30 -1.64 -3.44 -4.13
CA ILE C 30 -2.04 -3.00 -2.77
C ILE C 30 -3.43 -2.36 -2.77
N ALA C 31 -3.81 -1.59 -3.79
CA ALA C 31 -5.15 -0.99 -3.84
C ALA C 31 -6.25 -2.08 -3.92
N ASN C 32 -5.96 -3.18 -4.62
CA ASN C 32 -6.90 -4.28 -4.82
C ASN C 32 -7.19 -5.07 -3.53
N ILE C 33 -6.16 -5.51 -2.82
CA ILE C 33 -6.33 -6.31 -1.58
C ILE C 33 -7.05 -5.52 -0.48
N LEU C 34 -6.81 -4.20 -0.45
CA LEU C 34 -7.47 -3.25 0.45
C LEU C 34 -8.98 -3.14 0.22
N LYS C 35 -9.44 -3.50 -0.99
CA LYS C 35 -10.87 -3.52 -1.31
C LYS C 35 -11.57 -4.80 -0.83
N GLU C 36 -10.80 -5.83 -0.47
CA GLU C 36 -11.32 -7.12 -0.02
C GLU C 36 -11.65 -7.12 1.48
N LYS C 37 -11.16 -6.14 2.24
CA LYS C 37 -11.24 -6.12 3.71
C LYS C 37 -11.85 -4.86 4.32
N GLY C 38 -11.86 -3.72 3.61
CA GLY C 38 -12.92 -2.72 3.81
C GLY C 38 -12.58 -1.29 3.36
N PHE C 39 -11.39 -1.09 2.78
CA PHE C 39 -10.86 0.26 2.54
C PHE C 39 -11.31 0.84 1.21
N LYS C 40 -11.59 -0.05 0.23
CA LYS C 40 -11.91 0.17 -1.19
C LYS C 40 -11.27 1.43 -1.80
N VAL C 41 -10.01 1.67 -1.44
CA VAL C 41 -9.22 2.81 -1.92
C VAL C 41 -8.64 2.45 -3.31
N ALA C 42 -8.60 3.42 -4.23
CA ALA C 42 -8.04 3.34 -5.57
C ALA C 42 -6.53 3.55 -5.59
N ARG C 43 -5.93 3.22 -6.73
CA ARG C 43 -4.48 3.22 -6.95
C ARG C 43 -3.83 4.60 -6.88
N ARG C 44 -4.57 5.67 -7.12
CA ARG C 44 -4.02 7.03 -7.12
C ARG C 44 -3.65 7.49 -5.72
N THR C 45 -4.48 7.13 -4.75
CA THR C 45 -4.41 7.51 -3.35
C THR C 45 -3.35 6.67 -2.68
N VAL C 46 -3.40 5.37 -2.95
CA VAL C 46 -2.52 4.39 -2.34
C VAL C 46 -1.07 4.63 -2.76
N ALA C 47 -0.86 5.11 -4.00
CA ALA C 47 0.43 5.40 -4.59
C ALA C 47 1.09 6.62 -3.95
N LYS C 48 0.29 7.62 -3.57
CA LYS C 48 0.73 8.86 -2.92
C LYS C 48 1.02 8.65 -1.43
N TYR C 49 0.49 7.58 -0.82
CA TYR C 49 0.66 7.27 0.60
C TYR C 49 1.99 6.57 0.90
N ARG C 50 2.34 5.53 0.14
CA ARG C 50 3.64 4.86 0.28
C ARG C 50 4.84 5.81 0.16
N GLU C 51 4.65 6.98 -0.45
CA GLU C 51 5.64 8.06 -0.53
C GLU C 51 5.92 8.72 0.83
N MET C 52 4.86 9.06 1.59
CA MET C 52 4.97 9.82 2.84
C MET C 52 5.31 8.95 4.06
N LEU C 53 4.94 7.67 4.04
CA LEU C 53 5.27 6.70 5.09
C LEU C 53 6.77 6.35 5.10
N GLY C 54 7.29 5.81 3.99
CA GLY C 54 8.74 5.65 3.81
C GLY C 54 9.24 4.81 2.62
N ILE C 55 8.38 4.35 1.72
CA ILE C 55 8.73 3.41 0.63
C ILE C 55 9.16 4.18 -0.64
N PRO C 56 10.35 3.89 -1.21
CA PRO C 56 10.81 4.51 -2.46
C PRO C 56 9.99 4.01 -3.66
N SER C 57 9.88 2.69 -3.82
CA SER C 57 8.85 2.02 -4.65
C SER C 57 8.60 0.53 -4.33
N SER C 58 9.48 -0.07 -3.52
CA SER C 58 9.64 -1.53 -3.28
C SER C 58 10.11 -2.35 -4.49
N ARG C 59 9.98 -1.86 -5.72
CA ARG C 59 10.55 -2.46 -6.94
C ARG C 59 12.07 -2.30 -6.91
N GLU C 60 12.52 -1.17 -6.39
CA GLU C 60 13.93 -0.82 -6.26
C GLU C 60 14.60 -1.41 -5.01
N ARG C 61 13.81 -1.71 -3.95
CA ARG C 61 14.25 -2.42 -2.74
C ARG C 61 14.47 -3.92 -2.98
N ARG C 62 13.57 -4.54 -3.76
CA ARG C 62 13.61 -5.96 -4.12
C ARG C 62 14.83 -6.33 -4.94
N ILE C 63 14.93 -5.74 -6.14
CA ILE C 63 15.88 -6.10 -7.23
C ILE C 63 17.36 -6.11 -6.80
N HIS C 1 -12.23 4.74 -0.62
CA HIS C 1 -13.16 5.86 -0.32
C HIS C 1 -13.30 6.07 1.20
N MET C 2 -13.37 7.33 1.65
CA MET C 2 -13.98 7.77 2.94
C MET C 2 -13.41 7.15 4.24
N LEU C 3 -12.24 6.51 4.19
CA LEU C 3 -11.60 5.79 5.29
C LEU C 3 -11.24 6.62 6.54
N THR C 4 -10.85 5.88 7.59
CA THR C 4 -10.51 6.41 8.94
C THR C 4 -9.13 7.09 8.98
N GLN C 5 -8.62 7.35 10.19
CA GLN C 5 -7.27 7.88 10.45
C GLN C 5 -6.14 7.13 9.72
N GLY C 6 -6.35 5.85 9.35
CA GLY C 6 -5.44 5.12 8.49
C GLY C 6 -5.87 3.71 8.11
N GLU C 7 -7.12 3.45 7.73
CA GLU C 7 -7.61 2.12 7.34
C GLU C 7 -6.89 1.55 6.11
N LEU C 8 -6.16 2.38 5.36
CA LEU C 8 -5.23 1.96 4.30
C LEU C 8 -3.75 2.23 4.64
N MET C 9 -3.46 3.09 5.62
CA MET C 9 -2.11 3.50 6.01
C MET C 9 -1.37 2.38 6.72
N LYS C 10 -1.91 1.93 7.86
CA LYS C 10 -1.29 0.93 8.74
C LYS C 10 -1.38 -0.51 8.19
N LEU C 11 -1.61 -0.65 6.88
CA LEU C 11 -1.91 -1.85 6.11
C LEU C 11 -0.94 -1.97 4.94
N ILE C 12 -0.67 -0.86 4.21
CA ILE C 12 0.14 -0.93 2.99
C ILE C 12 1.56 -1.40 3.26
N LYS C 13 2.12 -1.08 4.44
CA LYS C 13 3.48 -1.52 4.81
C LYS C 13 3.51 -2.79 5.66
N GLU C 14 2.37 -3.17 6.21
CA GLU C 14 2.15 -4.32 7.09
C GLU C 14 1.82 -5.59 6.31
N ILE C 15 1.48 -5.47 5.01
CA ILE C 15 1.39 -6.58 4.08
C ILE C 15 2.60 -6.52 3.14
N VAL C 16 2.90 -5.40 2.48
CA VAL C 16 3.92 -5.43 1.43
C VAL C 16 5.30 -5.74 2.01
N GLU C 17 5.62 -5.25 3.21
CA GLU C 17 6.92 -5.55 3.84
C GLU C 17 6.89 -6.86 4.66
N ASN C 18 5.81 -7.64 4.55
CA ASN C 18 5.61 -8.92 5.23
C ASN C 18 5.48 -10.10 4.24
N GLU C 19 5.07 -9.85 2.99
CA GLU C 19 4.73 -10.87 1.99
C GLU C 19 5.97 -11.35 1.25
N ASP C 20 6.41 -10.57 0.26
CA ASP C 20 7.58 -10.88 -0.57
C ASP C 20 8.40 -9.61 -0.82
N LYS C 21 9.32 -9.31 0.10
CA LYS C 21 10.35 -8.25 -0.05
C LYS C 21 11.28 -8.47 -1.26
N ARG C 22 11.35 -9.71 -1.77
CA ARG C 22 12.03 -10.11 -3.03
C ARG C 22 11.17 -9.95 -4.30
N LYS C 23 9.85 -9.80 -4.17
CA LYS C 23 8.85 -9.66 -5.26
C LYS C 23 7.67 -8.77 -4.79
N PRO C 24 7.86 -7.45 -4.67
CA PRO C 24 6.88 -6.56 -4.04
C PRO C 24 5.64 -6.32 -4.91
N TYR C 25 4.60 -5.72 -4.31
CA TYR C 25 3.44 -5.14 -5.00
C TYR C 25 3.79 -3.75 -5.59
N SER C 26 2.80 -3.06 -6.13
CA SER C 26 2.87 -1.65 -6.57
C SER C 26 1.64 -0.90 -6.06
N ASP C 27 1.57 0.42 -6.23
CA ASP C 27 0.43 1.21 -5.77
C ASP C 27 -0.86 0.86 -6.53
N GLN C 28 -0.78 0.33 -7.75
CA GLN C 28 -1.93 -0.30 -8.41
C GLN C 28 -2.31 -1.61 -7.70
N GLU C 29 -1.37 -2.54 -7.53
CA GLU C 29 -1.68 -3.86 -6.97
C GLU C 29 -2.22 -3.77 -5.54
N ILE C 30 -1.59 -3.01 -4.63
CA ILE C 30 -2.15 -2.79 -3.29
C ILE C 30 -3.51 -2.11 -3.34
N ALA C 31 -3.73 -1.14 -4.24
CA ALA C 31 -5.05 -0.50 -4.36
C ALA C 31 -6.15 -1.52 -4.75
N ASN C 32 -5.78 -2.51 -5.57
CA ASN C 32 -6.67 -3.58 -6.02
C ASN C 32 -7.08 -4.53 -4.89
N ILE C 33 -6.12 -5.13 -4.18
CA ILE C 33 -6.44 -6.11 -3.12
C ILE C 33 -7.21 -5.46 -1.96
N LEU C 34 -6.93 -4.18 -1.68
CA LEU C 34 -7.62 -3.38 -0.66
C LEU C 34 -9.10 -3.21 -0.97
N LYS C 35 -9.50 -3.36 -2.24
CA LYS C 35 -10.91 -3.31 -2.65
C LYS C 35 -11.63 -4.65 -2.44
N GLU C 36 -10.89 -5.73 -2.18
CA GLU C 36 -11.45 -7.08 -2.00
C GLU C 36 -11.81 -7.38 -0.53
N LYS C 37 -11.41 -6.49 0.40
CA LYS C 37 -11.61 -6.69 1.86
C LYS C 37 -12.28 -5.52 2.57
N GLY C 38 -12.22 -4.29 2.03
CA GLY C 38 -13.29 -3.30 2.26
C GLY C 38 -12.87 -1.85 2.15
N PHE C 39 -11.62 -1.58 1.77
CA PHE C 39 -11.07 -0.24 1.79
C PHE C 39 -11.42 0.56 0.53
N LYS C 40 -11.55 -0.17 -0.59
CA LYS C 40 -11.73 0.26 -1.98
C LYS C 40 -11.15 1.65 -2.25
N VAL C 41 -9.89 1.82 -1.84
CA VAL C 41 -9.05 2.99 -2.12
C VAL C 41 -8.31 2.77 -3.45
N ALA C 42 -8.18 3.82 -4.25
CA ALA C 42 -7.49 3.91 -5.52
C ALA C 42 -5.99 4.23 -5.39
N ARG C 43 -5.26 4.03 -6.49
CA ARG C 43 -3.80 4.16 -6.61
C ARG C 43 -3.27 5.56 -6.35
N ARG C 44 -4.08 6.60 -6.54
CA ARG C 44 -3.71 8.01 -6.37
C ARG C 44 -3.46 8.33 -4.90
N THR C 45 -4.22 7.69 -4.01
CA THR C 45 -4.24 7.86 -2.58
C THR C 45 -3.21 6.96 -1.92
N VAL C 46 -3.19 5.70 -2.35
CA VAL C 46 -2.38 4.67 -1.74
C VAL C 46 -0.88 4.96 -1.97
N ALA C 47 -0.56 5.64 -3.09
CA ALA C 47 0.76 6.11 -3.44
C ALA C 47 1.24 7.28 -2.58
N LYS C 48 0.32 8.18 -2.20
CA LYS C 48 0.59 9.31 -1.30
C LYS C 48 0.84 8.86 0.13
N TYR C 49 0.32 7.68 0.52
CA TYR C 49 0.40 7.19 1.89
C TYR C 49 1.74 6.55 2.23
N ARG C 50 2.34 5.78 1.33
CA ARG C 50 3.69 5.25 1.60
C ARG C 50 4.71 6.35 1.91
N GLU C 51 4.47 7.58 1.45
CA GLU C 51 5.32 8.75 1.75
C GLU C 51 5.22 9.22 3.21
N MET C 52 4.02 9.18 3.81
CA MET C 52 3.80 9.61 5.20
C MET C 52 4.19 8.53 6.22
N LEU C 53 4.13 7.25 5.83
CA LEU C 53 4.61 6.11 6.63
C LEU C 53 6.14 6.05 6.65
N GLY C 54 6.78 5.91 5.48
CA GLY C 54 8.23 6.11 5.32
C GLY C 54 8.91 5.41 4.15
N ILE C 55 8.17 4.92 3.16
CA ILE C 55 8.65 4.01 2.10
C ILE C 55 8.52 4.66 0.70
N PRO C 56 9.56 4.60 -0.15
CA PRO C 56 9.58 5.24 -1.48
C PRO C 56 8.67 4.55 -2.51
N SER C 57 8.81 3.22 -2.71
CA SER C 57 7.99 2.43 -3.66
C SER C 57 7.88 0.93 -3.35
N SER C 58 8.66 0.43 -2.40
CA SER C 58 8.95 -1.00 -2.13
C SER C 58 9.64 -1.76 -3.26
N ARG C 59 9.69 -1.23 -4.49
CA ARG C 59 10.39 -1.79 -5.65
C ARG C 59 11.85 -1.39 -5.64
N GLU C 60 12.16 -0.17 -5.21
CA GLU C 60 13.54 0.31 -5.11
C GLU C 60 14.28 -0.26 -3.88
N ARG C 61 13.51 -0.74 -2.88
CA ARG C 61 14.00 -1.55 -1.74
C ARG C 61 14.40 -2.97 -2.18
N ARG C 62 13.61 -3.60 -3.05
CA ARG C 62 13.82 -4.93 -3.60
C ARG C 62 14.99 -5.01 -4.59
N ILE C 63 14.94 -4.24 -5.67
CA ILE C 63 15.80 -4.32 -6.88
C ILE C 63 17.31 -4.30 -6.59
N HIS C 1 -12.31 4.23 -0.55
CA HIS C 1 -13.29 5.34 -0.51
C HIS C 1 -13.64 5.72 0.93
N MET C 2 -13.84 7.01 1.21
CA MET C 2 -14.41 7.62 2.43
C MET C 2 -13.88 7.14 3.81
N LEU C 3 -12.73 6.47 3.82
CA LEU C 3 -12.02 5.92 4.99
C LEU C 3 -11.71 6.92 6.14
N THR C 4 -11.24 6.35 7.24
CA THR C 4 -10.88 7.05 8.50
C THR C 4 -9.58 7.86 8.37
N GLN C 5 -9.04 8.34 9.50
CA GLN C 5 -7.74 9.01 9.61
C GLN C 5 -6.58 8.28 8.91
N GLY C 6 -6.68 6.96 8.72
CA GLY C 6 -5.71 6.20 7.95
C GLY C 6 -6.03 4.73 7.74
N GLU C 7 -7.28 4.31 7.46
CA GLU C 7 -7.65 2.91 7.28
C GLU C 7 -6.94 2.22 6.09
N LEU C 8 -6.30 3.00 5.21
CA LEU C 8 -5.37 2.50 4.19
C LEU C 8 -3.90 2.87 4.46
N MET C 9 -3.64 3.85 5.33
CA MET C 9 -2.28 4.29 5.70
C MET C 9 -1.57 3.20 6.48
N LYS C 10 -2.08 2.92 7.68
CA LYS C 10 -1.47 2.01 8.67
C LYS C 10 -1.60 0.52 8.31
N LEU C 11 -1.90 0.22 7.04
CA LEU C 11 -2.23 -1.07 6.44
C LEU C 11 -1.41 -1.34 5.18
N ILE C 12 -1.07 -0.33 4.37
CA ILE C 12 -0.27 -0.59 3.16
C ILE C 12 1.12 -1.15 3.50
N LYS C 13 1.69 -0.70 4.62
CA LYS C 13 3.02 -1.13 5.08
C LYS C 13 2.99 -2.35 6.02
N GLU C 14 1.79 -2.71 6.46
CA GLU C 14 1.51 -3.78 7.43
C GLU C 14 1.27 -5.14 6.73
N ILE C 15 1.01 -5.12 5.42
CA ILE C 15 1.00 -6.30 4.57
C ILE C 15 2.28 -6.33 3.71
N VAL C 16 2.67 -5.23 3.05
CA VAL C 16 3.78 -5.28 2.11
C VAL C 16 5.10 -5.56 2.83
N GLU C 17 5.29 -5.04 4.05
CA GLU C 17 6.52 -5.36 4.81
C GLU C 17 6.48 -6.75 5.48
N ASN C 18 5.38 -7.48 5.31
CA ASN C 18 5.11 -8.79 5.88
C ASN C 18 5.13 -9.93 4.86
N GLU C 19 5.10 -9.62 3.55
CA GLU C 19 4.90 -10.62 2.49
C GLU C 19 6.21 -11.00 1.80
N ASP C 20 6.60 -10.28 0.73
CA ASP C 20 7.74 -10.64 -0.10
C ASP C 20 8.60 -9.42 -0.44
N LYS C 21 9.60 -9.19 0.41
CA LYS C 21 10.69 -8.22 0.21
C LYS C 21 11.44 -8.39 -1.13
N ARG C 22 11.52 -9.63 -1.63
CA ARG C 22 12.15 -10.02 -2.91
C ARG C 22 11.20 -10.02 -4.12
N LYS C 23 9.89 -9.85 -3.91
CA LYS C 23 8.84 -9.71 -4.93
C LYS C 23 7.74 -8.74 -4.44
N PRO C 24 7.96 -7.40 -4.46
CA PRO C 24 7.03 -6.44 -3.87
C PRO C 24 5.75 -6.27 -4.71
N TYR C 25 4.73 -5.66 -4.09
CA TYR C 25 3.53 -5.16 -4.77
C TYR C 25 3.81 -3.81 -5.47
N SER C 26 2.78 -3.20 -6.04
CA SER C 26 2.79 -1.84 -6.61
C SER C 26 1.53 -1.09 -6.20
N ASP C 27 1.45 0.22 -6.46
CA ASP C 27 0.27 1.03 -6.17
C ASP C 27 -1.04 0.48 -6.77
N GLN C 28 -1.03 -0.17 -7.94
CA GLN C 28 -2.19 -0.90 -8.46
C GLN C 28 -2.47 -2.14 -7.59
N GLU C 29 -1.48 -3.01 -7.39
CA GLU C 29 -1.67 -4.27 -6.69
C GLU C 29 -2.15 -4.07 -5.25
N ILE C 30 -1.51 -3.21 -4.45
CA ILE C 30 -1.99 -2.87 -3.10
C ILE C 30 -3.39 -2.27 -3.12
N ALA C 31 -3.74 -1.43 -4.09
CA ALA C 31 -5.10 -0.88 -4.19
C ALA C 31 -6.15 -1.99 -4.39
N ASN C 32 -5.78 -3.03 -5.15
CA ASN C 32 -6.65 -4.16 -5.48
C ASN C 32 -6.96 -5.04 -4.26
N ILE C 33 -5.95 -5.52 -3.54
CA ILE C 33 -6.16 -6.42 -2.37
C ILE C 33 -6.93 -5.71 -1.25
N LEU C 34 -6.72 -4.40 -1.10
CA LEU C 34 -7.42 -3.54 -0.13
C LEU C 34 -8.92 -3.48 -0.41
N LYS C 35 -9.35 -3.76 -1.64
CA LYS C 35 -10.77 -3.84 -2.01
C LYS C 35 -11.43 -5.16 -1.59
N GLU C 36 -10.63 -6.18 -1.28
CA GLU C 36 -11.10 -7.53 -0.94
C GLU C 36 -11.36 -7.68 0.57
N LYS C 37 -10.93 -6.72 1.39
CA LYS C 37 -11.01 -6.81 2.86
C LYS C 37 -11.71 -5.64 3.56
N GLY C 38 -11.78 -4.45 2.94
CA GLY C 38 -12.87 -3.52 3.25
C GLY C 38 -12.62 -2.06 2.85
N PHE C 39 -11.49 -1.74 2.24
CA PHE C 39 -11.04 -0.36 2.07
C PHE C 39 -11.50 0.27 0.76
N LYS C 40 -11.63 -0.58 -0.28
CA LYS C 40 -11.88 -0.29 -1.70
C LYS C 40 -11.35 1.10 -2.12
N VAL C 41 -10.10 1.35 -1.77
CA VAL C 41 -9.33 2.55 -2.16
C VAL C 41 -8.65 2.30 -3.52
N ALA C 42 -8.68 3.31 -4.38
CA ALA C 42 -8.09 3.38 -5.70
C ALA C 42 -6.57 3.65 -5.64
N ARG C 43 -5.90 3.35 -6.77
CA ARG C 43 -4.45 3.52 -6.96
C ARG C 43 -3.99 4.97 -6.78
N ARG C 44 -4.86 5.94 -7.03
CA ARG C 44 -4.56 7.38 -7.02
C ARG C 44 -4.21 7.86 -5.62
N THR C 45 -4.85 7.27 -4.62
CA THR C 45 -4.76 7.55 -3.21
C THR C 45 -3.63 6.75 -2.58
N VAL C 46 -3.62 5.46 -2.89
CA VAL C 46 -2.72 4.52 -2.26
C VAL C 46 -1.26 4.81 -2.64
N ALA C 47 -1.06 5.38 -3.85
CA ALA C 47 0.23 5.80 -4.38
C ALA C 47 0.77 7.00 -3.60
N LYS C 48 -0.09 7.96 -3.29
CA LYS C 48 0.23 9.16 -2.52
C LYS C 48 0.52 8.85 -1.05
N TYR C 49 0.06 7.70 -0.55
CA TYR C 49 0.19 7.28 0.85
C TYR C 49 1.49 6.54 1.13
N ARG C 50 1.89 5.57 0.30
CA ARG C 50 3.23 4.96 0.45
C ARG C 50 4.36 5.99 0.38
N GLU C 51 4.11 7.15 -0.26
CA GLU C 51 5.02 8.31 -0.27
C GLU C 51 5.08 9.03 1.08
N MET C 52 3.93 9.23 1.76
CA MET C 52 3.83 10.03 2.98
C MET C 52 4.20 9.25 4.25
N LEU C 53 3.97 7.93 4.25
CA LEU C 53 4.39 7.02 5.32
C LEU C 53 5.93 6.89 5.36
N GLY C 54 6.54 6.28 4.34
CA GLY C 54 7.99 6.24 4.20
C GLY C 54 8.60 5.33 3.13
N ILE C 55 7.81 4.70 2.26
CA ILE C 55 8.27 3.77 1.22
C ILE C 55 8.72 4.53 -0.05
N PRO C 56 9.96 4.32 -0.54
CA PRO C 56 10.45 4.98 -1.75
C PRO C 56 9.71 4.47 -3.00
N SER C 57 9.69 3.14 -3.19
CA SER C 57 8.76 2.42 -4.07
C SER C 57 8.61 0.91 -3.79
N SER C 58 9.50 0.36 -2.94
CA SER C 58 9.79 -1.08 -2.73
C SER C 58 10.34 -1.83 -3.93
N ARG C 59 10.18 -1.34 -5.18
CA ARG C 59 10.83 -1.83 -6.40
C ARG C 59 12.32 -1.53 -6.30
N GLU C 60 12.66 -0.32 -5.87
CA GLU C 60 14.04 0.14 -5.75
C GLU C 60 14.80 -0.47 -4.56
N ARG C 61 14.05 -0.93 -3.54
CA ARG C 61 14.55 -1.73 -2.42
C ARG C 61 14.87 -3.17 -2.84
N ARG C 62 14.01 -3.78 -3.65
CA ARG C 62 14.08 -5.18 -4.10
C ARG C 62 15.18 -5.40 -5.16
N ILE C 63 15.09 -4.69 -6.29
CA ILE C 63 15.86 -4.91 -7.52
C ILE C 63 17.40 -4.91 -7.34
N HIS C 1 -13.38 6.45 -0.11
CA HIS C 1 -13.59 7.60 0.80
C HIS C 1 -13.82 7.17 2.25
N MET C 2 -13.87 8.14 3.17
CA MET C 2 -14.41 8.05 4.54
C MET C 2 -13.66 7.11 5.52
N LEU C 3 -12.47 6.62 5.17
CA LEU C 3 -11.60 5.86 6.08
C LEU C 3 -11.15 6.66 7.30
N THR C 4 -10.63 5.93 8.30
CA THR C 4 -10.12 6.49 9.58
C THR C 4 -8.78 7.21 9.42
N GLN C 5 -8.14 7.56 10.54
CA GLN C 5 -6.78 8.12 10.60
C GLN C 5 -5.73 7.36 9.79
N GLY C 6 -5.94 6.05 9.52
CA GLY C 6 -5.10 5.28 8.62
C GLY C 6 -5.57 3.88 8.31
N GLU C 7 -6.87 3.63 8.03
CA GLU C 7 -7.41 2.31 7.67
C GLU C 7 -6.78 1.71 6.40
N LEU C 8 -6.10 2.50 5.59
CA LEU C 8 -5.26 2.04 4.47
C LEU C 8 -3.75 2.24 4.72
N MET C 9 -3.37 3.07 5.69
CA MET C 9 -1.99 3.45 6.03
C MET C 9 -1.27 2.32 6.75
N LYS C 10 -1.79 1.88 7.89
CA LYS C 10 -1.18 0.88 8.77
C LYS C 10 -1.33 -0.56 8.25
N LEU C 11 -1.61 -0.70 6.95
CA LEU C 11 -2.02 -1.88 6.19
C LEU C 11 -1.13 -2.06 4.96
N ILE C 12 -0.81 -0.97 4.25
CA ILE C 12 0.01 -1.10 3.02
C ILE C 12 1.38 -1.69 3.33
N LYS C 13 1.97 -1.32 4.46
CA LYS C 13 3.29 -1.83 4.90
C LYS C 13 3.22 -3.14 5.68
N GLU C 14 2.03 -3.52 6.13
CA GLU C 14 1.78 -4.63 7.04
C GLU C 14 1.41 -5.92 6.29
N ILE C 15 0.99 -5.80 5.03
CA ILE C 15 0.82 -6.92 4.11
C ILE C 15 2.04 -7.01 3.19
N VAL C 16 2.52 -5.88 2.62
CA VAL C 16 3.59 -5.95 1.63
C VAL C 16 4.90 -6.43 2.27
N GLU C 17 5.17 -6.06 3.53
CA GLU C 17 6.39 -6.54 4.20
C GLU C 17 6.26 -7.98 4.73
N ASN C 18 5.08 -8.59 4.57
CA ASN C 18 4.72 -9.91 5.04
C ASN C 18 4.68 -10.96 3.91
N GLU C 19 4.60 -10.53 2.65
CA GLU C 19 4.34 -11.42 1.51
C GLU C 19 5.63 -11.83 0.78
N ASP C 20 6.05 -11.07 -0.24
CA ASP C 20 7.29 -11.28 -0.99
C ASP C 20 7.98 -9.94 -1.25
N LYS C 21 8.84 -9.56 -0.30
CA LYS C 21 9.81 -8.47 -0.46
C LYS C 21 10.80 -8.68 -1.63
N ARG C 22 10.92 -9.94 -2.10
CA ARG C 22 11.62 -10.37 -3.33
C ARG C 22 10.89 -9.99 -4.64
N LYS C 23 9.57 -9.75 -4.55
CA LYS C 23 8.63 -9.49 -5.67
C LYS C 23 7.51 -8.53 -5.20
N PRO C 24 7.79 -7.23 -5.03
CA PRO C 24 6.88 -6.29 -4.37
C PRO C 24 5.60 -6.02 -5.17
N TYR C 25 4.57 -5.50 -4.50
CA TYR C 25 3.38 -4.92 -5.12
C TYR C 25 3.67 -3.51 -5.68
N SER C 26 2.64 -2.81 -6.14
CA SER C 26 2.67 -1.43 -6.63
C SER C 26 1.48 -0.66 -6.08
N ASP C 27 1.46 0.67 -6.20
CA ASP C 27 0.34 1.51 -5.81
C ASP C 27 -1.01 1.10 -6.45
N GLN C 28 -1.02 0.54 -7.67
CA GLN C 28 -2.22 -0.09 -8.23
C GLN C 28 -2.57 -1.36 -7.46
N GLU C 29 -1.64 -2.30 -7.34
CA GLU C 29 -1.90 -3.60 -6.75
C GLU C 29 -2.33 -3.52 -5.28
N ILE C 30 -1.63 -2.76 -4.44
CA ILE C 30 -2.07 -2.52 -3.05
C ILE C 30 -3.45 -1.85 -2.99
N ALA C 31 -3.76 -0.91 -3.89
CA ALA C 31 -5.11 -0.32 -3.92
C ALA C 31 -6.20 -1.36 -4.24
N ASN C 32 -5.89 -2.34 -5.09
CA ASN C 32 -6.80 -3.40 -5.51
C ASN C 32 -7.16 -4.36 -4.37
N ILE C 33 -6.16 -4.93 -3.68
CA ILE C 33 -6.40 -5.92 -2.61
C ILE C 33 -7.15 -5.31 -1.42
N LEU C 34 -6.90 -4.01 -1.15
CA LEU C 34 -7.59 -3.22 -0.13
C LEU C 34 -9.08 -3.07 -0.42
N LYS C 35 -9.50 -3.24 -1.67
CA LYS C 35 -10.92 -3.21 -2.03
C LYS C 35 -11.64 -4.54 -1.77
N GLU C 36 -10.88 -5.62 -1.55
CA GLU C 36 -11.42 -6.97 -1.33
C GLU C 36 -11.76 -7.22 0.14
N LYS C 37 -11.31 -6.34 1.06
CA LYS C 37 -11.44 -6.55 2.51
C LYS C 37 -12.09 -5.39 3.29
N GLY C 38 -12.08 -4.16 2.77
CA GLY C 38 -13.13 -3.19 3.11
C GLY C 38 -12.80 -1.72 2.86
N PHE C 39 -11.60 -1.43 2.35
CA PHE C 39 -11.08 -0.07 2.31
C PHE C 39 -11.48 0.69 1.03
N LYS C 40 -11.64 -0.08 -0.06
CA LYS C 40 -11.87 0.31 -1.45
C LYS C 40 -11.28 1.66 -1.85
N VAL C 41 -10.04 1.88 -1.40
CA VAL C 41 -9.24 3.07 -1.73
C VAL C 41 -8.55 2.85 -3.10
N ALA C 42 -8.42 3.91 -3.89
CA ALA C 42 -7.81 3.98 -5.21
C ALA C 42 -6.31 4.30 -5.15
N ARG C 43 -5.64 4.08 -6.28
CA ARG C 43 -4.20 4.20 -6.45
C ARG C 43 -3.66 5.61 -6.19
N ARG C 44 -4.43 6.67 -6.43
CA ARG C 44 -3.99 8.07 -6.25
C ARG C 44 -3.75 8.41 -4.78
N THR C 45 -4.52 7.79 -3.89
CA THR C 45 -4.53 7.96 -2.45
C THR C 45 -3.46 7.11 -1.81
N VAL C 46 -3.43 5.83 -2.22
CA VAL C 46 -2.56 4.84 -1.63
C VAL C 46 -1.09 5.15 -1.93
N ALA C 47 -0.84 5.82 -3.07
CA ALA C 47 0.47 6.28 -3.51
C ALA C 47 1.00 7.43 -2.64
N LYS C 48 0.11 8.29 -2.14
CA LYS C 48 0.46 9.36 -1.21
C LYS C 48 0.78 8.84 0.19
N TYR C 49 0.31 7.65 0.55
CA TYR C 49 0.46 7.08 1.90
C TYR C 49 1.80 6.40 2.11
N ARG C 50 2.26 5.58 1.14
CA ARG C 50 3.63 5.01 1.18
C ARG C 50 4.72 6.05 1.47
N GLU C 51 4.49 7.30 1.04
CA GLU C 51 5.44 8.40 1.19
C GLU C 51 5.55 8.91 2.64
N MET C 52 4.46 8.87 3.42
CA MET C 52 4.42 9.38 4.79
C MET C 52 4.69 8.30 5.86
N LEU C 53 4.47 7.02 5.55
CA LEU C 53 4.86 5.89 6.39
C LEU C 53 6.39 5.67 6.37
N GLY C 54 6.94 5.33 5.20
CA GLY C 54 8.40 5.31 4.98
C GLY C 54 8.91 4.60 3.72
N ILE C 55 8.05 3.99 2.91
CA ILE C 55 8.41 3.26 1.69
C ILE C 55 8.83 4.24 0.57
N PRO C 56 10.00 4.05 -0.07
CA PRO C 56 10.41 4.81 -1.24
C PRO C 56 9.57 4.41 -2.46
N SER C 57 9.69 3.15 -2.90
CA SER C 57 8.74 2.49 -3.82
C SER C 57 8.60 0.97 -3.62
N SER C 58 9.50 0.39 -2.81
CA SER C 58 9.80 -1.05 -2.66
C SER C 58 10.27 -1.79 -3.92
N ARG C 59 10.12 -1.21 -5.13
CA ARG C 59 10.77 -1.65 -6.37
C ARG C 59 12.27 -1.39 -6.25
N GLU C 60 12.62 -0.20 -5.76
CA GLU C 60 14.00 0.25 -5.61
C GLU C 60 14.75 -0.43 -4.45
N ARG C 61 14.00 -0.95 -3.46
CA ARG C 61 14.48 -1.81 -2.37
C ARG C 61 14.78 -3.23 -2.87
N ARG C 62 13.91 -3.78 -3.73
CA ARG C 62 13.98 -5.15 -4.25
C ARG C 62 15.09 -5.32 -5.31
N ILE C 63 15.01 -4.55 -6.39
CA ILE C 63 15.80 -4.71 -7.64
C ILE C 63 17.33 -4.72 -7.44
N HIS C 1 -14.10 13.08 1.70
CA HIS C 1 -13.18 12.16 2.40
C HIS C 1 -13.85 10.80 2.67
N MET C 2 -13.23 9.71 2.21
CA MET C 2 -13.70 8.33 2.44
C MET C 2 -13.22 7.78 3.80
N LEU C 3 -11.91 7.80 4.03
CA LEU C 3 -11.21 7.15 5.14
C LEU C 3 -10.76 8.12 6.25
N THR C 4 -10.19 7.56 7.31
CA THR C 4 -9.63 8.29 8.48
C THR C 4 -8.29 8.98 8.15
N GLN C 5 -7.59 9.47 9.18
CA GLN C 5 -6.25 10.05 9.11
C GLN C 5 -5.22 9.18 8.36
N GLY C 6 -5.43 7.86 8.29
CA GLY C 6 -4.61 6.98 7.46
C GLY C 6 -5.07 5.53 7.43
N GLU C 7 -6.36 5.24 7.26
CA GLU C 7 -6.90 3.88 7.24
C GLU C 7 -6.29 2.98 6.15
N LEU C 8 -5.68 3.58 5.12
CA LEU C 8 -4.90 2.89 4.09
C LEU C 8 -3.38 3.17 4.21
N MET C 9 -2.98 4.21 4.94
CA MET C 9 -1.59 4.68 5.10
C MET C 9 -0.78 3.74 5.99
N LYS C 10 -1.24 3.54 7.22
CA LYS C 10 -0.54 2.75 8.25
C LYS C 10 -0.64 1.23 8.04
N LEU C 11 -1.02 0.84 6.82
CA LEU C 11 -1.38 -0.51 6.35
C LEU C 11 -0.56 -0.87 5.11
N ILE C 12 -0.35 0.06 4.17
CA ILE C 12 0.38 -0.25 2.93
C ILE C 12 1.83 -0.64 3.21
N LYS C 13 2.47 -0.02 4.22
CA LYS C 13 3.86 -0.35 4.60
C LYS C 13 3.97 -1.58 5.50
N GLU C 14 2.88 -1.95 6.14
CA GLU C 14 2.78 -2.93 7.22
C GLU C 14 2.41 -4.33 6.71
N ILE C 15 1.89 -4.42 5.48
CA ILE C 15 1.74 -5.67 4.75
C ILE C 15 2.88 -5.79 3.74
N VAL C 16 3.14 -4.78 2.90
CA VAL C 16 4.07 -4.93 1.78
C VAL C 16 5.49 -5.19 2.28
N GLU C 17 5.90 -4.53 3.37
CA GLU C 17 7.26 -4.75 3.90
C GLU C 17 7.34 -6.00 4.79
N ASN C 18 6.24 -6.75 4.91
CA ASN C 18 6.09 -7.94 5.74
C ASN C 18 5.74 -9.22 4.97
N GLU C 19 5.38 -9.11 3.67
CA GLU C 19 4.95 -10.24 2.85
C GLU C 19 6.12 -10.90 2.11
N ASP C 20 6.48 -10.38 0.93
CA ASP C 20 7.59 -10.90 0.14
C ASP C 20 8.52 -9.78 -0.35
N LYS C 21 9.59 -9.56 0.40
CA LYS C 21 10.72 -8.69 0.05
C LYS C 21 11.40 -9.05 -1.28
N ARG C 22 11.18 -10.26 -1.81
CA ARG C 22 11.64 -10.76 -3.13
C ARG C 22 10.54 -10.75 -4.21
N LYS C 23 9.26 -10.51 -3.86
CA LYS C 23 8.13 -10.32 -4.79
C LYS C 23 7.17 -9.21 -4.29
N PRO C 24 7.54 -7.92 -4.42
CA PRO C 24 6.75 -6.81 -3.90
C PRO C 24 5.44 -6.59 -4.69
N TYR C 25 4.49 -5.87 -4.10
CA TYR C 25 3.27 -5.38 -4.75
C TYR C 25 3.54 -4.09 -5.54
N SER C 26 2.51 -3.51 -6.15
CA SER C 26 2.52 -2.21 -6.85
C SER C 26 1.34 -1.37 -6.39
N ASP C 27 1.31 -0.07 -6.73
CA ASP C 27 0.17 0.80 -6.45
C ASP C 27 -1.19 0.27 -6.97
N GLN C 28 -1.23 -0.46 -8.09
CA GLN C 28 -2.43 -1.20 -8.51
C GLN C 28 -2.71 -2.38 -7.55
N GLU C 29 -1.74 -3.26 -7.32
CA GLU C 29 -1.97 -4.46 -6.53
C GLU C 29 -2.39 -4.15 -5.09
N ILE C 30 -1.70 -3.26 -4.38
CA ILE C 30 -2.13 -2.82 -3.05
C ILE C 30 -3.51 -2.17 -3.07
N ALA C 31 -3.85 -1.38 -4.10
CA ALA C 31 -5.19 -0.79 -4.19
C ALA C 31 -6.30 -1.86 -4.29
N ASN C 32 -6.01 -2.98 -4.96
CA ASN C 32 -6.92 -4.10 -5.16
C ASN C 32 -7.23 -4.85 -3.86
N ILE C 33 -6.21 -5.32 -3.14
CA ILE C 33 -6.40 -6.11 -1.90
C ILE C 33 -7.11 -5.30 -0.81
N LEU C 34 -6.86 -3.99 -0.76
CA LEU C 34 -7.48 -3.04 0.15
C LEU C 34 -9.00 -2.91 -0.09
N LYS C 35 -9.46 -3.25 -1.29
CA LYS C 35 -10.90 -3.25 -1.61
C LYS C 35 -11.61 -4.52 -1.11
N GLU C 36 -10.86 -5.57 -0.77
CA GLU C 36 -11.41 -6.85 -0.32
C GLU C 36 -11.72 -6.84 1.20
N LYS C 37 -11.23 -5.84 1.94
CA LYS C 37 -11.29 -5.82 3.42
C LYS C 37 -11.89 -4.57 4.03
N GLY C 38 -11.88 -3.42 3.33
CA GLY C 38 -12.91 -2.39 3.56
C GLY C 38 -12.54 -0.99 3.11
N PHE C 39 -11.37 -0.79 2.52
CA PHE C 39 -10.83 0.54 2.24
C PHE C 39 -11.31 1.11 0.90
N LYS C 40 -11.54 0.20 -0.07
CA LYS C 40 -11.83 0.41 -1.50
C LYS C 40 -11.22 1.68 -2.07
N VAL C 41 -9.94 1.91 -1.74
CA VAL C 41 -9.13 3.04 -2.22
C VAL C 41 -8.56 2.68 -3.61
N ALA C 42 -8.52 3.65 -4.52
CA ALA C 42 -7.97 3.57 -5.87
C ALA C 42 -6.45 3.76 -5.89
N ARG C 43 -5.84 3.41 -7.02
CA ARG C 43 -4.39 3.43 -7.26
C ARG C 43 -3.78 4.84 -7.20
N ARG C 44 -4.57 5.88 -7.47
CA ARG C 44 -4.10 7.27 -7.53
C ARG C 44 -3.67 7.78 -6.16
N THR C 45 -4.39 7.35 -5.13
CA THR C 45 -4.26 7.73 -3.74
C THR C 45 -3.20 6.90 -3.08
N VAL C 46 -3.30 5.59 -3.28
CA VAL C 46 -2.43 4.61 -2.63
C VAL C 46 -0.97 4.79 -3.07
N ALA C 47 -0.77 5.26 -4.31
CA ALA C 47 0.52 5.55 -4.89
C ALA C 47 1.19 6.72 -4.14
N LYS C 48 0.43 7.80 -3.94
CA LYS C 48 0.91 9.01 -3.27
C LYS C 48 1.17 8.80 -1.78
N TYR C 49 0.64 7.73 -1.19
CA TYR C 49 0.81 7.39 0.22
C TYR C 49 2.13 6.70 0.49
N ARG C 50 2.51 5.68 -0.30
CA ARG C 50 3.82 5.02 -0.13
C ARG C 50 5.01 5.99 -0.22
N GLU C 51 4.81 7.13 -0.87
CA GLU C 51 5.80 8.23 -0.96
C GLU C 51 6.05 8.91 0.40
N MET C 52 4.98 9.25 1.12
CA MET C 52 5.07 10.07 2.34
C MET C 52 5.38 9.26 3.61
N LEU C 53 5.05 7.96 3.62
CA LEU C 53 5.36 7.04 4.72
C LEU C 53 6.86 6.71 4.77
N GLY C 54 7.41 6.15 3.69
CA GLY C 54 8.86 5.95 3.54
C GLY C 54 9.36 5.04 2.42
N ILE C 55 8.51 4.58 1.49
CA ILE C 55 8.86 3.63 0.43
C ILE C 55 9.20 4.36 -0.88
N PRO C 56 10.35 4.04 -1.54
CA PRO C 56 10.73 4.61 -2.83
C PRO C 56 9.82 4.10 -3.95
N SER C 57 9.78 2.78 -4.14
CA SER C 57 8.82 2.05 -4.98
C SER C 57 8.61 0.58 -4.60
N SER C 58 9.36 0.10 -3.61
CA SER C 58 9.54 -1.30 -3.19
C SER C 58 10.10 -2.27 -4.25
N ARG C 59 10.18 -1.89 -5.55
CA ARG C 59 10.86 -2.72 -6.57
C ARG C 59 12.36 -2.51 -6.53
N GLU C 60 12.81 -1.31 -6.16
CA GLU C 60 14.23 -1.00 -5.99
C GLU C 60 14.82 -1.61 -4.70
N ARG C 61 13.97 -1.89 -3.69
CA ARG C 61 14.33 -2.65 -2.48
C ARG C 61 14.51 -4.15 -2.76
N ARG C 62 13.68 -4.72 -3.64
CA ARG C 62 13.69 -6.11 -4.06
C ARG C 62 14.88 -6.46 -4.97
N ILE C 63 14.98 -5.78 -6.13
CA ILE C 63 15.87 -6.13 -7.26
C ILE C 63 17.36 -6.23 -6.88
N HIS C 1 -12.94 12.93 2.15
CA HIS C 1 -12.69 11.77 3.03
C HIS C 1 -13.63 10.61 2.72
N MET C 2 -13.15 9.37 2.95
CA MET C 2 -13.87 8.11 2.74
C MET C 2 -13.59 7.12 3.87
N LEU C 3 -12.32 6.81 4.12
CA LEU C 3 -11.82 5.96 5.20
C LEU C 3 -11.54 6.75 6.49
N THR C 4 -11.10 6.04 7.53
CA THR C 4 -10.69 6.60 8.83
C THR C 4 -9.36 7.36 8.74
N GLN C 5 -8.79 7.73 9.90
CA GLN C 5 -7.46 8.35 10.05
C GLN C 5 -6.34 7.64 9.29
N GLY C 6 -6.48 6.33 9.01
CA GLY C 6 -5.58 5.60 8.14
C GLY C 6 -5.95 4.15 7.88
N GLU C 7 -7.21 3.82 7.55
CA GLU C 7 -7.66 2.45 7.29
C GLU C 7 -6.92 1.78 6.12
N LEU C 8 -6.26 2.56 5.26
CA LEU C 8 -5.37 2.06 4.21
C LEU C 8 -3.88 2.32 4.51
N MET C 9 -3.55 3.27 5.41
CA MET C 9 -2.19 3.67 5.79
C MET C 9 -1.51 2.55 6.58
N LYS C 10 -2.05 2.21 7.73
CA LYS C 10 -1.46 1.30 8.73
C LYS C 10 -1.55 -0.19 8.34
N LEU C 11 -1.84 -0.45 7.07
CA LEU C 11 -2.17 -1.73 6.43
C LEU C 11 -1.28 -1.97 5.21
N ILE C 12 -0.99 -0.94 4.41
CA ILE C 12 -0.20 -1.14 3.18
C ILE C 12 1.21 -1.64 3.50
N LYS C 13 1.81 -1.15 4.59
CA LYS C 13 3.18 -1.57 4.99
C LYS C 13 3.22 -2.87 5.80
N GLU C 14 2.07 -3.26 6.32
CA GLU C 14 1.85 -4.30 7.32
C GLU C 14 1.44 -5.63 6.68
N ILE C 15 1.01 -5.61 5.41
CA ILE C 15 0.83 -6.77 4.55
C ILE C 15 2.00 -6.89 3.59
N VAL C 16 2.43 -5.81 2.92
CA VAL C 16 3.47 -5.89 1.89
C VAL C 16 4.79 -6.37 2.49
N GLU C 17 5.15 -5.85 3.67
CA GLU C 17 6.42 -6.27 4.29
C GLU C 17 6.30 -7.61 5.03
N ASN C 18 5.11 -8.23 5.04
CA ASN C 18 4.85 -9.54 5.61
C ASN C 18 4.91 -10.66 4.55
N GLU C 19 4.73 -10.32 3.27
CA GLU C 19 4.61 -11.27 2.17
C GLU C 19 5.96 -11.60 1.53
N ASP C 20 6.40 -10.77 0.58
CA ASP C 20 7.67 -10.92 -0.12
C ASP C 20 8.33 -9.56 -0.32
N LYS C 21 9.21 -9.21 0.63
CA LYS C 21 10.25 -8.17 0.42
C LYS C 21 11.11 -8.45 -0.84
N ARG C 22 11.25 -9.73 -1.21
CA ARG C 22 11.89 -10.27 -2.42
C ARG C 22 11.13 -9.99 -3.72
N LYS C 23 9.82 -9.74 -3.64
CA LYS C 23 8.86 -9.56 -4.75
C LYS C 23 7.75 -8.57 -4.33
N PRO C 24 8.05 -7.25 -4.25
CA PRO C 24 7.15 -6.26 -3.65
C PRO C 24 5.88 -6.04 -4.49
N TYR C 25 4.81 -5.58 -3.85
CA TYR C 25 3.65 -5.01 -4.53
C TYR C 25 3.92 -3.56 -4.96
N SER C 26 3.00 -2.98 -5.74
CA SER C 26 3.07 -1.60 -6.25
C SER C 26 1.78 -0.87 -5.94
N ASP C 27 1.74 0.44 -6.14
CA ASP C 27 0.55 1.26 -5.91
C ASP C 27 -0.72 0.76 -6.63
N GLN C 28 -0.63 0.18 -7.84
CA GLN C 28 -1.76 -0.52 -8.45
C GLN C 28 -2.09 -1.81 -7.67
N GLU C 29 -1.12 -2.69 -7.44
CA GLU C 29 -1.37 -3.98 -6.85
C GLU C 29 -1.95 -3.87 -5.43
N ILE C 30 -1.36 -3.08 -4.54
CA ILE C 30 -1.93 -2.81 -3.21
C ILE C 30 -3.32 -2.18 -3.28
N ALA C 31 -3.58 -1.27 -4.23
CA ALA C 31 -4.91 -0.67 -4.37
C ALA C 31 -5.99 -1.72 -4.70
N ASN C 32 -5.62 -2.75 -5.47
CA ASN C 32 -6.52 -3.82 -5.89
C ASN C 32 -6.94 -4.73 -4.73
N ILE C 33 -6.00 -5.31 -3.99
CA ILE C 33 -6.33 -6.26 -2.89
C ILE C 33 -7.13 -5.57 -1.78
N LEU C 34 -6.85 -4.28 -1.54
CA LEU C 34 -7.55 -3.45 -0.57
C LEU C 34 -9.04 -3.30 -0.87
N LYS C 35 -9.43 -3.43 -2.14
CA LYS C 35 -10.83 -3.40 -2.58
C LYS C 35 -11.56 -4.74 -2.32
N GLU C 36 -10.82 -5.81 -2.02
CA GLU C 36 -11.39 -7.15 -1.81
C GLU C 36 -11.76 -7.39 -0.33
N LYS C 37 -11.36 -6.48 0.58
CA LYS C 37 -11.55 -6.63 2.04
C LYS C 37 -12.22 -5.43 2.72
N GLY C 38 -12.16 -4.23 2.14
CA GLY C 38 -13.23 -3.23 2.36
C GLY C 38 -12.79 -1.78 2.20
N PHE C 39 -11.55 -1.53 1.80
CA PHE C 39 -10.96 -0.19 1.80
C PHE C 39 -11.30 0.60 0.53
N LYS C 40 -11.67 -0.12 -0.54
CA LYS C 40 -12.01 0.31 -1.92
C LYS C 40 -11.18 1.48 -2.46
N VAL C 41 -9.93 1.63 -2.00
CA VAL C 41 -9.10 2.82 -2.30
C VAL C 41 -8.39 2.62 -3.65
N ALA C 42 -8.31 3.68 -4.44
CA ALA C 42 -7.67 3.76 -5.74
C ALA C 42 -6.16 4.04 -5.63
N ARG C 43 -5.45 3.81 -6.74
CA ARG C 43 -3.99 3.92 -6.83
C ARG C 43 -3.46 5.30 -6.43
N ARG C 44 -4.18 6.37 -6.77
CA ARG C 44 -3.69 7.75 -6.58
C ARG C 44 -3.44 8.04 -5.11
N THR C 45 -4.32 7.49 -4.28
CA THR C 45 -4.41 7.65 -2.86
C THR C 45 -3.38 6.77 -2.19
N VAL C 46 -3.35 5.51 -2.61
CA VAL C 46 -2.51 4.51 -2.00
C VAL C 46 -1.02 4.81 -2.27
N ALA C 47 -0.73 5.47 -3.40
CA ALA C 47 0.59 5.89 -3.83
C ALA C 47 1.15 7.00 -2.94
N LYS C 48 0.27 7.94 -2.52
CA LYS C 48 0.62 9.00 -1.58
C LYS C 48 0.99 8.45 -0.20
N TYR C 49 0.36 7.34 0.18
CA TYR C 49 0.47 6.77 1.52
C TYR C 49 1.75 5.99 1.72
N ARG C 50 2.11 5.08 0.80
CA ARG C 50 3.43 4.42 0.88
C ARG C 50 4.58 5.43 0.96
N GLU C 51 4.41 6.59 0.32
CA GLU C 51 5.42 7.66 0.31
C GLU C 51 5.52 8.38 1.67
N MET C 52 4.41 8.58 2.38
CA MET C 52 4.36 9.33 3.65
C MET C 52 4.69 8.47 4.88
N LEU C 53 4.35 7.18 4.87
CA LEU C 53 4.65 6.23 5.95
C LEU C 53 6.16 5.99 6.07
N GLY C 54 6.80 5.46 5.02
CA GLY C 54 8.27 5.30 4.96
C GLY C 54 8.85 4.55 3.76
N ILE C 55 8.03 4.03 2.84
CA ILE C 55 8.48 3.33 1.62
C ILE C 55 8.96 4.36 0.57
N PRO C 56 10.14 4.16 -0.05
CA PRO C 56 10.58 4.94 -1.20
C PRO C 56 9.73 4.58 -2.44
N SER C 57 9.85 3.33 -2.90
CA SER C 57 8.92 2.66 -3.84
C SER C 57 8.86 1.13 -3.67
N SER C 58 9.67 0.59 -2.76
CA SER C 58 10.02 -0.83 -2.55
C SER C 58 10.64 -1.55 -3.76
N ARG C 59 10.67 -0.93 -4.95
CA ARG C 59 11.34 -1.45 -6.16
C ARG C 59 12.85 -1.30 -5.98
N GLU C 60 13.26 -0.17 -5.41
CA GLU C 60 14.66 0.13 -5.07
C GLU C 60 15.14 -0.55 -3.76
N ARG C 61 14.23 -0.94 -2.86
CA ARG C 61 14.54 -1.79 -1.69
C ARG C 61 14.83 -3.24 -2.11
N ARG C 62 14.06 -3.79 -3.05
CA ARG C 62 14.14 -5.18 -3.50
C ARG C 62 15.34 -5.43 -4.42
N ILE C 63 15.41 -4.72 -5.56
CA ILE C 63 16.32 -4.98 -6.69
C ILE C 63 17.82 -5.04 -6.30
N HIS C 1 -12.06 12.88 2.01
CA HIS C 1 -11.48 11.53 2.15
C HIS C 1 -12.54 10.53 2.61
N MET C 2 -12.70 9.43 1.85
CA MET C 2 -13.70 8.39 2.11
C MET C 2 -13.42 7.58 3.38
N LEU C 3 -12.15 7.19 3.61
CA LEU C 3 -11.70 6.42 4.77
C LEU C 3 -11.44 7.29 6.01
N THR C 4 -11.09 6.62 7.12
CA THR C 4 -10.71 7.27 8.38
C THR C 4 -9.35 7.98 8.28
N GLN C 5 -8.86 8.47 9.42
CA GLN C 5 -7.51 9.01 9.64
C GLN C 5 -6.35 8.20 9.03
N GLY C 6 -6.52 6.88 8.83
CA GLY C 6 -5.55 6.09 8.07
C GLY C 6 -5.96 4.66 7.77
N GLU C 7 -7.22 4.36 7.41
CA GLU C 7 -7.69 2.99 7.16
C GLU C 7 -7.02 2.30 5.96
N LEU C 8 -6.26 3.04 5.15
CA LEU C 8 -5.33 2.50 4.14
C LEU C 8 -3.84 2.78 4.48
N MET C 9 -3.54 3.69 5.39
CA MET C 9 -2.17 4.04 5.81
C MET C 9 -1.56 2.92 6.65
N LYS C 10 -2.17 2.61 7.79
CA LYS C 10 -1.64 1.65 8.78
C LYS C 10 -1.76 0.17 8.33
N LEU C 11 -1.98 -0.06 7.03
CA LEU C 11 -2.30 -1.32 6.34
C LEU C 11 -1.31 -1.59 5.21
N ILE C 12 -0.98 -0.59 4.37
CA ILE C 12 -0.09 -0.81 3.22
C ILE C 12 1.32 -1.21 3.66
N LYS C 13 1.81 -0.68 4.78
CA LYS C 13 3.12 -1.06 5.35
C LYS C 13 3.07 -2.37 6.15
N GLU C 14 1.88 -2.79 6.53
CA GLU C 14 1.60 -3.87 7.48
C GLU C 14 1.38 -5.21 6.78
N ILE C 15 1.12 -5.19 5.46
CA ILE C 15 1.10 -6.37 4.61
C ILE C 15 2.39 -6.42 3.77
N VAL C 16 2.81 -5.31 3.15
CA VAL C 16 3.96 -5.36 2.24
C VAL C 16 5.26 -5.65 3.01
N GLU C 17 5.39 -5.19 4.26
CA GLU C 17 6.58 -5.51 5.06
C GLU C 17 6.51 -6.93 5.68
N ASN C 18 5.40 -7.64 5.46
CA ASN C 18 5.11 -8.95 6.01
C ASN C 18 5.16 -10.08 4.95
N GLU C 19 5.15 -9.75 3.65
CA GLU C 19 4.97 -10.74 2.58
C GLU C 19 6.31 -11.11 1.91
N ASP C 20 6.64 -10.49 0.78
CA ASP C 20 7.86 -10.73 0.03
C ASP C 20 8.47 -9.39 -0.42
N LYS C 21 9.31 -8.82 0.43
CA LYS C 21 10.21 -7.70 0.06
C LYS C 21 11.18 -8.08 -1.07
N ARG C 22 11.41 -9.39 -1.29
CA ARG C 22 12.10 -10.04 -2.42
C ARG C 22 11.32 -9.99 -3.75
N LYS C 23 9.99 -9.84 -3.69
CA LYS C 23 9.02 -9.88 -4.80
C LYS C 23 7.83 -8.93 -4.50
N PRO C 24 8.04 -7.60 -4.51
CA PRO C 24 7.11 -6.65 -3.91
C PRO C 24 5.80 -6.47 -4.71
N TYR C 25 4.80 -5.86 -4.08
CA TYR C 25 3.61 -5.32 -4.73
C TYR C 25 3.92 -3.99 -5.46
N SER C 26 2.88 -3.29 -5.93
CA SER C 26 2.93 -1.96 -6.55
C SER C 26 1.70 -1.15 -6.11
N ASP C 27 1.66 0.15 -6.38
CA ASP C 27 0.50 1.00 -6.07
C ASP C 27 -0.83 0.50 -6.68
N GLN C 28 -0.84 -0.15 -7.85
CA GLN C 28 -2.02 -0.86 -8.35
C GLN C 28 -2.34 -2.07 -7.47
N GLU C 29 -1.38 -2.96 -7.24
CA GLU C 29 -1.61 -4.21 -6.54
C GLU C 29 -2.07 -4.00 -5.08
N ILE C 30 -1.39 -3.16 -4.29
CA ILE C 30 -1.86 -2.82 -2.94
C ILE C 30 -3.26 -2.17 -2.96
N ALA C 31 -3.57 -1.32 -3.95
CA ALA C 31 -4.93 -0.76 -4.05
C ALA C 31 -6.00 -1.85 -4.30
N ASN C 32 -5.65 -2.89 -5.06
CA ASN C 32 -6.54 -4.00 -5.43
C ASN C 32 -6.91 -4.88 -4.24
N ILE C 33 -5.93 -5.35 -3.47
CA ILE C 33 -6.17 -6.24 -2.32
C ILE C 33 -7.00 -5.52 -1.24
N LEU C 34 -6.77 -4.21 -1.06
CA LEU C 34 -7.50 -3.34 -0.14
C LEU C 34 -8.99 -3.24 -0.47
N LYS C 35 -9.35 -3.49 -1.72
CA LYS C 35 -10.77 -3.52 -2.13
C LYS C 35 -11.49 -4.81 -1.73
N GLU C 36 -10.74 -5.86 -1.37
CA GLU C 36 -11.31 -7.15 -0.94
C GLU C 36 -11.69 -7.14 0.54
N LYS C 37 -11.13 -6.20 1.31
CA LYS C 37 -11.30 -6.04 2.77
C LYS C 37 -12.49 -5.12 3.01
N GLY C 38 -12.39 -3.92 2.44
CA GLY C 38 -13.46 -2.92 2.42
C GLY C 38 -12.97 -1.48 2.25
N PHE C 39 -11.67 -1.28 1.98
CA PHE C 39 -11.09 0.06 1.90
C PHE C 39 -11.38 0.73 0.55
N LYS C 40 -11.63 -0.10 -0.49
CA LYS C 40 -11.86 0.19 -1.91
C LYS C 40 -11.12 1.41 -2.45
N VAL C 41 -9.89 1.62 -1.96
CA VAL C 41 -9.08 2.80 -2.31
C VAL C 41 -8.36 2.55 -3.65
N ALA C 42 -8.31 3.57 -4.49
CA ALA C 42 -7.68 3.58 -5.80
C ALA C 42 -6.15 3.75 -5.72
N ARG C 43 -5.46 3.38 -6.80
CA ARG C 43 -4.00 3.48 -6.93
C ARG C 43 -3.45 4.89 -6.69
N ARG C 44 -4.18 5.93 -7.08
CA ARG C 44 -3.68 7.32 -7.02
C ARG C 44 -3.44 7.78 -5.59
N THR C 45 -4.27 7.25 -4.68
CA THR C 45 -4.35 7.53 -3.28
C THR C 45 -3.33 6.72 -2.52
N VAL C 46 -3.31 5.42 -2.81
CA VAL C 46 -2.44 4.46 -2.13
C VAL C 46 -0.96 4.75 -2.42
N ALA C 47 -0.69 5.36 -3.59
CA ALA C 47 0.61 5.77 -4.07
C ALA C 47 1.18 6.94 -3.26
N LYS C 48 0.32 7.87 -2.82
CA LYS C 48 0.75 8.94 -1.92
C LYS C 48 1.19 8.39 -0.56
N TYR C 49 0.47 7.38 -0.07
CA TYR C 49 0.56 6.99 1.33
C TYR C 49 1.87 6.27 1.66
N ARG C 50 2.39 5.45 0.74
CA ARG C 50 3.75 4.88 0.89
C ARG C 50 4.83 5.92 1.24
N GLU C 51 4.67 7.17 0.79
CA GLU C 51 5.65 8.25 1.02
C GLU C 51 5.68 8.72 2.48
N MET C 52 4.53 8.77 3.16
CA MET C 52 4.44 9.30 4.53
C MET C 52 4.72 8.26 5.63
N LEU C 53 4.62 6.97 5.29
CA LEU C 53 4.89 5.84 6.20
C LEU C 53 6.37 5.46 6.19
N GLY C 54 6.90 5.01 5.05
CA GLY C 54 8.35 4.88 4.85
C GLY C 54 8.83 4.16 3.59
N ILE C 55 7.94 3.59 2.78
CA ILE C 55 8.29 2.81 1.58
C ILE C 55 8.70 3.75 0.41
N PRO C 56 9.91 3.60 -0.15
CA PRO C 56 10.42 4.46 -1.23
C PRO C 56 9.65 4.18 -2.54
N SER C 57 9.71 2.95 -3.03
CA SER C 57 8.74 2.36 -3.99
C SER C 57 8.50 0.85 -3.79
N SER C 58 9.27 0.24 -2.88
CA SER C 58 9.53 -1.21 -2.69
C SER C 58 10.16 -1.95 -3.88
N ARG C 59 10.08 -1.42 -5.10
CA ARG C 59 10.77 -1.92 -6.30
C ARG C 59 12.25 -1.62 -6.20
N GLU C 60 12.59 -0.42 -5.75
CA GLU C 60 13.96 0.09 -5.74
C GLU C 60 14.83 -0.56 -4.66
N ARG C 61 14.19 -1.09 -3.60
CA ARG C 61 14.77 -1.98 -2.59
C ARG C 61 15.09 -3.36 -3.15
N ARG C 62 14.15 -3.95 -3.90
CA ARG C 62 14.19 -5.32 -4.43
C ARG C 62 15.19 -5.48 -5.58
N ILE C 63 15.01 -4.71 -6.66
CA ILE C 63 15.66 -4.86 -7.98
C ILE C 63 17.20 -4.84 -7.93
N HIS C 1 -13.76 12.35 1.69
CA HIS C 1 -13.43 11.48 2.85
C HIS C 1 -14.07 10.11 2.70
N MET C 2 -13.35 9.05 3.13
CA MET C 2 -13.84 7.66 3.16
C MET C 2 -13.42 6.93 4.45
N LEU C 3 -12.14 6.99 4.82
CA LEU C 3 -11.52 6.23 5.91
C LEU C 3 -11.21 7.07 7.14
N THR C 4 -10.71 6.39 8.18
CA THR C 4 -10.31 6.96 9.48
C THR C 4 -8.98 7.72 9.40
N GLN C 5 -8.39 8.07 10.55
CA GLN C 5 -7.06 8.68 10.67
C GLN C 5 -5.96 7.95 9.88
N GLY C 6 -6.11 6.65 9.61
CA GLY C 6 -5.21 5.91 8.75
C GLY C 6 -5.61 4.46 8.48
N GLU C 7 -6.87 4.16 8.16
CA GLU C 7 -7.34 2.79 7.91
C GLU C 7 -6.67 2.12 6.71
N LEU C 8 -6.01 2.89 5.85
CA LEU C 8 -5.12 2.38 4.79
C LEU C 8 -3.63 2.64 5.08
N MET C 9 -3.30 3.57 5.99
CA MET C 9 -1.91 3.95 6.33
C MET C 9 -1.21 2.83 7.09
N LYS C 10 -1.75 2.49 8.25
CA LYS C 10 -1.10 1.57 9.21
C LYS C 10 -1.22 0.08 8.79
N LEU C 11 -1.57 -0.16 7.53
CA LEU C 11 -1.91 -1.43 6.89
C LEU C 11 -1.03 -1.69 5.68
N ILE C 12 -0.78 -0.67 4.84
CA ILE C 12 0.02 -0.86 3.61
C ILE C 12 1.42 -1.38 3.93
N LYS C 13 2.02 -0.92 5.03
CA LYS C 13 3.37 -1.36 5.43
C LYS C 13 3.38 -2.69 6.19
N GLU C 14 2.23 -3.09 6.73
CA GLU C 14 2.06 -4.17 7.70
C GLU C 14 1.43 -5.43 7.07
N ILE C 15 0.90 -5.31 5.84
CA ILE C 15 0.60 -6.44 4.97
C ILE C 15 1.79 -6.66 4.02
N VAL C 16 2.32 -5.61 3.37
CA VAL C 16 3.36 -5.82 2.36
C VAL C 16 4.64 -6.39 2.98
N GLU C 17 4.99 -5.96 4.20
CA GLU C 17 6.19 -6.49 4.88
C GLU C 17 5.92 -7.82 5.61
N ASN C 18 4.71 -8.38 5.48
CA ASN C 18 4.29 -9.64 6.06
C ASN C 18 4.11 -10.76 5.00
N GLU C 19 3.88 -10.39 3.74
CA GLU C 19 3.56 -11.31 2.64
C GLU C 19 4.82 -11.83 1.95
N ASP C 20 5.34 -11.08 0.97
CA ASP C 20 6.49 -11.45 0.15
C ASP C 20 7.35 -10.23 -0.16
N LYS C 21 8.22 -9.86 0.78
CA LYS C 21 9.32 -8.89 0.54
C LYS C 21 10.31 -9.36 -0.54
N ARG C 22 10.32 -10.66 -0.85
CA ARG C 22 11.00 -11.32 -1.99
C ARG C 22 10.36 -11.07 -3.36
N LYS C 23 9.04 -10.82 -3.40
CA LYS C 23 8.22 -10.54 -4.60
C LYS C 23 7.11 -9.52 -4.25
N PRO C 24 7.45 -8.21 -4.17
CA PRO C 24 6.58 -7.18 -3.60
C PRO C 24 5.39 -6.79 -4.51
N TYR C 25 4.46 -6.04 -3.92
CA TYR C 25 3.36 -5.35 -4.61
C TYR C 25 3.82 -4.01 -5.21
N SER C 26 2.87 -3.20 -5.70
CA SER C 26 3.03 -1.83 -6.20
C SER C 26 1.84 -0.99 -5.71
N ASP C 27 1.82 0.33 -5.93
CA ASP C 27 0.72 1.17 -5.40
C ASP C 27 -0.62 0.85 -6.06
N GLN C 28 -0.65 0.36 -7.31
CA GLN C 28 -1.87 -0.23 -7.90
C GLN C 28 -2.27 -1.51 -7.16
N GLU C 29 -1.35 -2.47 -7.01
CA GLU C 29 -1.66 -3.78 -6.45
C GLU C 29 -2.15 -3.68 -5.01
N ILE C 30 -1.46 -2.96 -4.12
CA ILE C 30 -1.94 -2.72 -2.75
C ILE C 30 -3.29 -2.01 -2.73
N ALA C 31 -3.54 -1.06 -3.62
CA ALA C 31 -4.85 -0.39 -3.69
C ALA C 31 -5.98 -1.38 -4.01
N ASN C 32 -5.69 -2.37 -4.86
CA ASN C 32 -6.63 -3.39 -5.29
C ASN C 32 -7.04 -4.35 -4.17
N ILE C 33 -6.07 -4.96 -3.46
CA ILE C 33 -6.37 -5.93 -2.38
C ILE C 33 -7.10 -5.27 -1.21
N LEU C 34 -6.80 -3.98 -0.95
CA LEU C 34 -7.45 -3.16 0.06
C LEU C 34 -8.95 -2.95 -0.23
N LYS C 35 -9.37 -3.11 -1.48
CA LYS C 35 -10.79 -3.04 -1.86
C LYS C 35 -11.55 -4.34 -1.56
N GLU C 36 -10.83 -5.44 -1.33
CA GLU C 36 -11.42 -6.76 -1.11
C GLU C 36 -11.76 -6.99 0.37
N LYS C 37 -11.26 -6.13 1.29
CA LYS C 37 -11.41 -6.33 2.75
C LYS C 37 -12.03 -5.14 3.49
N GLY C 38 -11.99 -3.93 2.94
CA GLY C 38 -13.02 -2.93 3.24
C GLY C 38 -12.65 -1.48 3.00
N PHE C 39 -11.43 -1.22 2.52
CA PHE C 39 -10.86 0.12 2.48
C PHE C 39 -11.25 0.91 1.22
N LYS C 40 -11.54 0.17 0.14
CA LYS C 40 -11.83 0.58 -1.25
C LYS C 40 -11.10 1.86 -1.69
N VAL C 41 -9.84 2.00 -1.29
CA VAL C 41 -8.96 3.12 -1.67
C VAL C 41 -8.30 2.80 -3.04
N ALA C 42 -7.87 3.81 -3.77
CA ALA C 42 -7.20 3.78 -5.07
C ALA C 42 -5.71 4.16 -4.99
N ARG C 43 -5.00 3.94 -6.10
CA ARG C 43 -3.55 4.07 -6.21
C ARG C 43 -3.02 5.46 -5.88
N ARG C 44 -3.79 6.51 -6.17
CA ARG C 44 -3.35 7.90 -6.01
C ARG C 44 -3.12 8.22 -4.54
N THR C 45 -3.97 7.67 -3.70
CA THR C 45 -4.05 7.90 -2.28
C THR C 45 -3.07 7.00 -1.56
N VAL C 46 -3.04 5.74 -1.98
CA VAL C 46 -2.18 4.75 -1.38
C VAL C 46 -0.70 5.10 -1.64
N ALA C 47 -0.40 5.74 -2.78
CA ALA C 47 0.90 6.26 -3.15
C ALA C 47 1.31 7.49 -2.33
N LYS C 48 0.35 8.35 -1.99
CA LYS C 48 0.56 9.48 -1.06
C LYS C 48 0.87 9.02 0.36
N TYR C 49 0.39 7.83 0.72
CA TYR C 49 0.52 7.27 2.06
C TYR C 49 1.85 6.55 2.25
N ARG C 50 2.18 5.60 1.38
CA ARG C 50 3.52 4.95 1.42
C ARG C 50 4.67 5.95 1.41
N GLU C 51 4.46 7.13 0.83
CA GLU C 51 5.44 8.23 0.82
C GLU C 51 5.71 8.81 2.23
N MET C 52 4.67 8.96 3.06
CA MET C 52 4.75 9.60 4.38
C MET C 52 5.02 8.61 5.53
N LEU C 53 4.71 7.32 5.36
CA LEU C 53 5.05 6.26 6.30
C LEU C 53 6.57 5.95 6.28
N GLY C 54 7.09 5.44 5.15
CA GLY C 54 8.53 5.19 5.00
C GLY C 54 9.01 4.47 3.74
N ILE C 55 8.19 4.38 2.68
CA ILE C 55 8.41 3.49 1.52
C ILE C 55 8.51 4.26 0.17
N PRO C 56 9.49 3.93 -0.69
CA PRO C 56 9.65 4.53 -2.03
C PRO C 56 8.64 4.01 -3.07
N SER C 57 8.49 2.68 -3.16
CA SER C 57 7.59 1.96 -4.09
C SER C 57 7.32 0.49 -3.69
N SER C 58 8.04 -0.01 -2.67
CA SER C 58 8.27 -1.42 -2.30
C SER C 58 9.05 -2.26 -3.34
N ARG C 59 9.33 -1.73 -4.54
CA ARG C 59 10.00 -2.46 -5.62
C ARG C 59 11.51 -2.46 -5.41
N GLU C 60 12.01 -1.33 -4.93
CA GLU C 60 13.43 -1.11 -4.58
C GLU C 60 13.78 -1.43 -3.12
N ARG C 61 12.78 -1.74 -2.27
CA ARG C 61 12.98 -2.44 -0.98
C ARG C 61 13.41 -3.90 -1.18
N ARG C 62 12.93 -4.56 -2.25
CA ARG C 62 13.24 -5.93 -2.66
C ARG C 62 14.54 -6.00 -3.47
N ILE C 63 14.56 -5.36 -4.66
CA ILE C 63 15.69 -5.34 -5.62
C ILE C 63 17.00 -4.84 -4.97
N HIS C 1 -13.62 4.00 0.22
CA HIS C 1 -13.44 5.47 0.26
C HIS C 1 -13.64 6.03 1.67
N MET C 2 -13.40 7.34 1.86
CA MET C 2 -13.74 8.17 3.03
C MET C 2 -13.43 7.52 4.40
N LEU C 3 -12.29 6.85 4.47
CA LEU C 3 -11.74 6.13 5.60
C LEU C 3 -11.43 6.99 6.85
N THR C 4 -11.01 6.32 7.92
CA THR C 4 -10.61 6.94 9.21
C THR C 4 -9.30 7.73 9.11
N GLN C 5 -8.74 8.14 10.25
CA GLN C 5 -7.42 8.76 10.38
C GLN C 5 -6.28 8.02 9.66
N GLY C 6 -6.42 6.71 9.42
CA GLY C 6 -5.49 5.95 8.61
C GLY C 6 -5.85 4.50 8.32
N GLU C 7 -7.12 4.14 8.02
CA GLU C 7 -7.54 2.76 7.75
C GLU C 7 -6.84 2.12 6.54
N LEU C 8 -6.16 2.91 5.71
CA LEU C 8 -5.27 2.43 4.65
C LEU C 8 -3.78 2.77 4.92
N MET C 9 -3.48 3.69 5.83
CA MET C 9 -2.13 4.09 6.22
C MET C 9 -1.43 2.96 6.98
N LYS C 10 -1.94 2.64 8.16
CA LYS C 10 -1.36 1.68 9.12
C LYS C 10 -1.54 0.20 8.69
N LEU C 11 -1.84 -0.02 7.41
CA LEU C 11 -2.18 -1.28 6.74
C LEU C 11 -1.33 -1.53 5.51
N ILE C 12 -0.99 -0.49 4.72
CA ILE C 12 -0.19 -0.73 3.51
C ILE C 12 1.19 -1.30 3.85
N LYS C 13 1.76 -0.89 4.99
CA LYS C 13 3.07 -1.37 5.46
C LYS C 13 2.99 -2.61 6.35
N GLU C 14 1.80 -2.96 6.79
CA GLU C 14 1.50 -4.03 7.74
C GLU C 14 1.10 -5.33 7.03
N ILE C 15 0.80 -5.26 5.72
CA ILE C 15 0.66 -6.41 4.83
C ILE C 15 1.91 -6.53 3.96
N VAL C 16 2.40 -5.45 3.35
CA VAL C 16 3.53 -5.56 2.41
C VAL C 16 4.81 -5.99 3.13
N GLU C 17 5.04 -5.53 4.37
CA GLU C 17 6.22 -5.98 5.13
C GLU C 17 6.04 -7.38 5.75
N ASN C 18 4.87 -8.00 5.56
CA ASN C 18 4.49 -9.30 6.10
C ASN C 18 4.47 -10.41 5.04
N GLU C 19 4.44 -10.05 3.75
CA GLU C 19 4.25 -10.99 2.64
C GLU C 19 5.59 -11.43 2.01
N ASP C 20 6.07 -10.69 1.02
CA ASP C 20 7.33 -10.96 0.32
C ASP C 20 8.08 -9.65 0.07
N LYS C 21 8.93 -9.28 1.02
CA LYS C 21 9.98 -8.24 0.82
C LYS C 21 10.94 -8.58 -0.34
N ARG C 22 11.01 -9.86 -0.74
CA ARG C 22 11.71 -10.40 -1.91
C ARG C 22 10.98 -10.14 -3.24
N LYS C 23 9.68 -9.88 -3.21
CA LYS C 23 8.76 -9.70 -4.36
C LYS C 23 7.64 -8.69 -4.01
N PRO C 24 7.94 -7.37 -3.98
CA PRO C 24 7.02 -6.36 -3.46
C PRO C 24 5.80 -6.14 -4.36
N TYR C 25 4.75 -5.52 -3.80
CA TYR C 25 3.58 -5.01 -4.51
C TYR C 25 3.90 -3.65 -5.20
N SER C 26 2.87 -2.92 -5.65
CA SER C 26 2.96 -1.56 -6.21
C SER C 26 1.66 -0.80 -5.93
N ASP C 27 1.58 0.50 -6.21
CA ASP C 27 0.42 1.32 -5.77
C ASP C 27 -0.93 0.87 -6.38
N GLN C 28 -0.97 0.33 -7.59
CA GLN C 28 -2.15 -0.37 -8.10
C GLN C 28 -2.42 -1.65 -7.27
N GLU C 29 -1.42 -2.50 -7.08
CA GLU C 29 -1.60 -3.79 -6.44
C GLU C 29 -2.09 -3.67 -4.99
N ILE C 30 -1.45 -2.86 -4.14
CA ILE C 30 -1.92 -2.60 -2.78
C ILE C 30 -3.33 -1.98 -2.76
N ALA C 31 -3.67 -1.10 -3.71
CA ALA C 31 -5.03 -0.54 -3.76
C ALA C 31 -6.10 -1.62 -4.02
N ASN C 32 -5.75 -2.63 -4.82
CA ASN C 32 -6.64 -3.72 -5.20
C ASN C 32 -6.98 -4.64 -4.01
N ILE C 33 -5.98 -5.16 -3.29
CA ILE C 33 -6.21 -6.10 -2.17
C ILE C 33 -6.98 -5.44 -1.03
N LEU C 34 -6.77 -4.13 -0.83
CA LEU C 34 -7.47 -3.31 0.15
C LEU C 34 -8.97 -3.20 -0.15
N LYS C 35 -9.39 -3.44 -1.40
CA LYS C 35 -10.81 -3.47 -1.78
C LYS C 35 -11.49 -4.80 -1.45
N GLU C 36 -10.70 -5.85 -1.16
CA GLU C 36 -11.21 -7.19 -0.89
C GLU C 36 -11.53 -7.39 0.60
N LYS C 37 -11.10 -6.48 1.48
CA LYS C 37 -11.22 -6.65 2.93
C LYS C 37 -11.89 -5.49 3.67
N GLY C 38 -11.93 -4.26 3.11
CA GLY C 38 -13.00 -3.33 3.43
C GLY C 38 -12.72 -1.85 3.13
N PHE C 39 -11.55 -1.53 2.57
CA PHE C 39 -11.09 -0.15 2.48
C PHE C 39 -11.55 0.51 1.18
N LYS C 40 -11.62 -0.29 0.11
CA LYS C 40 -11.85 0.06 -1.30
C LYS C 40 -11.38 1.48 -1.64
N VAL C 41 -10.11 1.70 -1.30
CA VAL C 41 -9.30 2.88 -1.69
C VAL C 41 -8.62 2.59 -3.04
N ALA C 42 -8.51 3.59 -3.89
CA ALA C 42 -7.86 3.64 -5.19
C ALA C 42 -6.36 4.00 -5.10
N ARG C 43 -5.71 3.84 -6.24
CA ARG C 43 -4.26 3.96 -6.40
C ARG C 43 -3.70 5.34 -6.12
N ARG C 44 -4.45 6.42 -6.32
CA ARG C 44 -3.91 7.79 -6.16
C ARG C 44 -3.67 8.11 -4.69
N THR C 45 -4.54 7.60 -3.83
CA THR C 45 -4.55 7.82 -2.40
C THR C 45 -3.48 6.96 -1.78
N VAL C 46 -3.48 5.68 -2.18
CA VAL C 46 -2.59 4.69 -1.62
C VAL C 46 -1.13 5.01 -1.97
N ALA C 47 -0.91 5.64 -3.14
CA ALA C 47 0.37 6.08 -3.66
C ALA C 47 0.95 7.24 -2.85
N LYS C 48 0.10 8.22 -2.51
CA LYS C 48 0.47 9.33 -1.63
C LYS C 48 0.74 8.88 -0.19
N TYR C 49 0.14 7.76 0.23
CA TYR C 49 0.28 7.23 1.59
C TYR C 49 1.59 6.49 1.80
N ARG C 50 2.01 5.59 0.90
CA ARG C 50 3.37 5.02 0.97
C ARG C 50 4.44 6.11 1.08
N GLU C 51 4.20 7.27 0.47
CA GLU C 51 5.10 8.44 0.48
C GLU C 51 5.06 9.26 1.79
N MET C 52 3.98 9.20 2.57
CA MET C 52 3.87 9.89 3.87
C MET C 52 4.28 9.01 5.06
N LEU C 53 4.14 7.68 4.93
CA LEU C 53 4.63 6.70 5.90
C LEU C 53 6.17 6.55 5.81
N GLY C 54 6.69 5.89 4.78
CA GLY C 54 8.15 5.74 4.61
C GLY C 54 8.66 4.89 3.43
N ILE C 55 7.82 4.56 2.44
CA ILE C 55 8.12 3.65 1.32
C ILE C 55 8.18 4.41 -0.03
N PRO C 56 9.28 4.27 -0.80
CA PRO C 56 9.42 4.83 -2.14
C PRO C 56 8.49 4.08 -3.12
N SER C 57 8.83 2.82 -3.42
CA SER C 57 8.07 1.86 -4.24
C SER C 57 8.13 0.41 -3.69
N SER C 58 8.97 0.21 -2.66
CA SER C 58 9.53 -1.06 -2.18
C SER C 58 10.31 -1.90 -3.21
N ARG C 59 10.43 -1.47 -4.47
CA ARG C 59 11.20 -2.17 -5.52
C ARG C 59 12.67 -1.82 -5.41
N GLU C 60 12.96 -0.55 -5.12
CA GLU C 60 14.31 -0.08 -4.80
C GLU C 60 14.77 -0.50 -3.38
N ARG C 61 13.84 -0.84 -2.48
CA ARG C 61 14.13 -1.51 -1.19
C ARG C 61 14.46 -3.00 -1.37
N ARG C 62 13.72 -3.72 -2.22
CA ARG C 62 13.87 -5.14 -2.53
C ARG C 62 15.19 -5.45 -3.25
N ILE C 63 15.41 -4.83 -4.43
CA ILE C 63 16.50 -5.15 -5.38
C ILE C 63 17.92 -5.10 -4.77
#